data_1J8L
# 
_entry.id   1J8L 
# 
_audit_conform.dict_name       mmcif_pdbx.dic 
_audit_conform.dict_version    5.376 
_audit_conform.dict_location   http://mmcif.pdb.org/dictionaries/ascii/mmcif_pdbx.dic 
# 
loop_
_database_2.database_id 
_database_2.database_code 
_database_2.pdbx_database_accession 
_database_2.pdbx_DOI 
PDB   1J8L         pdb_00001j8l 10.2210/pdb1j8l/pdb 
NDB   BD0053       ?            ?                   
RCSB  RCSB013495   ?            ?                   
WWPDB D_1000013495 ?            ?                   
# 
loop_
_pdbx_database_related.db_name 
_pdbx_database_related.db_id 
_pdbx_database_related.details 
_pdbx_database_related.content_type 
PDB 1I3T 'Molecular and Crystal Structure of D(CGCGAATT(MO4)CGCG)' unspecified 
PDB 1I47 'Molecular and Crystal Structure of D(CGCGAATT(MO4)CGCG)' unspecified 
# 
_pdbx_database_status.status_code                     REL 
_pdbx_database_status.entry_id                        1J8L 
_pdbx_database_status.recvd_initial_deposition_date   2001-05-22 
_pdbx_database_status.deposit_site                    RCSB 
_pdbx_database_status.process_site                    RCSB 
_pdbx_database_status.status_code_sf                  REL 
_pdbx_database_status.SG_entry                        . 
_pdbx_database_status.pdb_format_compatible           Y 
_pdbx_database_status.status_code_mr                  ? 
_pdbx_database_status.status_code_cs                  ? 
_pdbx_database_status.status_code_nmr_data            ? 
_pdbx_database_status.methods_development_category    ? 
# 
loop_
_audit_author.name 
_audit_author.pdbx_ordinal 
'Hossain, M.T.' 1 
'Sunami, T.'    2 
'Tsunoda, M.'   3 
'Hikima, T.'    4 
'Chatake, T.'   5 
'Ueno, Y.'      6 
'Matsuda, A.'   7 
'Takenaka, A.'  8 
# 
_citation.id                        primary 
_citation.title                     
;Crystallographic studies on damaged DNAs IV. N(4)-methoxycytosine shows a second face for Watson-Crick base-pairing, leading to purine transition mutagenesis.
;
_citation.journal_abbrev            'Nucleic Acids Res.' 
_citation.journal_volume            29 
_citation.page_first                3949 
_citation.page_last                 3954 
_citation.year                      2001 
_citation.journal_id_ASTM           NARHAD 
_citation.country                   UK 
_citation.journal_id_ISSN           0305-1048 
_citation.journal_id_CSD            0389 
_citation.book_publisher            ? 
_citation.pdbx_database_id_PubMed   11574676 
_citation.pdbx_database_id_DOI      ? 
# 
loop_
_citation_author.citation_id 
_citation_author.name 
_citation_author.ordinal 
_citation_author.identifier_ORCID 
primary 'Hossain, M.T.' 1 ? 
primary 'Sunami, T.'    2 ? 
primary 'Tsunoda, M.'   3 ? 
primary 'Hikima, T.'    4 ? 
primary 'Chatake, T.'   5 ? 
primary 'Ueno, Y.'      6 ? 
primary 'Matsuda, A.'   7 ? 
primary 'Takenaka, A.'  8 ? 
# 
_cell.entry_id           1J8L 
_cell.length_a           24.8 
_cell.length_b           40.3 
_cell.length_c           65.5 
_cell.angle_alpha        90.00 
_cell.angle_beta         90.00 
_cell.angle_gamma        90.00 
_cell.Z_PDB              8 
_cell.pdbx_unique_axis   ? 
# 
_symmetry.entry_id                         1J8L 
_symmetry.space_group_name_H-M             'P 21 21 21' 
_symmetry.pdbx_full_space_group_name_H-M   ? 
_symmetry.cell_setting                     ? 
_symmetry.Int_Tables_number                19 
# 
loop_
_entity.id 
_entity.type 
_entity.src_method 
_entity.pdbx_description 
_entity.formula_weight 
_entity.pdbx_number_of_molecules 
_entity.pdbx_ec 
_entity.pdbx_mutation 
_entity.pdbx_fragment 
_entity.details 
1 polymer     syn 
;DNA (5'-D(*CP*GP*CP*AP*AP*AP*TP*TP*(C45)P*GP*CP*G)-3')
;
3677.419 2   ? ? ? ? 
2 non-polymer syn 'MAGNESIUM ION'                                          24.305   1   ? ? ? ? 
3 water       nat water                                                    18.015   111 ? ? ? ? 
# 
_entity_poly.entity_id                      1 
_entity_poly.type                           polydeoxyribonucleotide 
_entity_poly.nstd_linkage                   no 
_entity_poly.nstd_monomer                   yes 
_entity_poly.pdbx_seq_one_letter_code       '(DC)(DG)(DC)(DA)(DA)(DA)(DT)(DT)(C45)(DG)(DC)(DG)' 
_entity_poly.pdbx_seq_one_letter_code_can   CGCAAATTCGCG 
_entity_poly.pdbx_strand_id                 A,B 
_entity_poly.pdbx_target_identifier         ? 
# 
loop_
_entity_poly_seq.entity_id 
_entity_poly_seq.num 
_entity_poly_seq.mon_id 
_entity_poly_seq.hetero 
1 1  DC  n 
1 2  DG  n 
1 3  DC  n 
1 4  DA  n 
1 5  DA  n 
1 6  DA  n 
1 7  DT  n 
1 8  DT  n 
1 9  C45 n 
1 10 DG  n 
1 11 DC  n 
1 12 DG  n 
# 
_struct_ref.id                         1 
_struct_ref.entity_id                  1 
_struct_ref.db_name                    PDB 
_struct_ref.db_code                    1J8L 
_struct_ref.pdbx_db_accession          1J8L 
_struct_ref.pdbx_db_isoform            ? 
_struct_ref.pdbx_seq_one_letter_code   ? 
_struct_ref.pdbx_align_begin           ? 
# 
loop_
_struct_ref_seq.align_id 
_struct_ref_seq.ref_id 
_struct_ref_seq.pdbx_PDB_id_code 
_struct_ref_seq.pdbx_strand_id 
_struct_ref_seq.seq_align_beg 
_struct_ref_seq.pdbx_seq_align_beg_ins_code 
_struct_ref_seq.seq_align_end 
_struct_ref_seq.pdbx_seq_align_end_ins_code 
_struct_ref_seq.pdbx_db_accession 
_struct_ref_seq.db_align_beg 
_struct_ref_seq.pdbx_db_align_beg_ins_code 
_struct_ref_seq.db_align_end 
_struct_ref_seq.pdbx_db_align_end_ins_code 
_struct_ref_seq.pdbx_auth_seq_align_beg 
_struct_ref_seq.pdbx_auth_seq_align_end 
1 1 1J8L A 1 ? 12 ? 1J8L 1  ? 12 ? 1  12 
2 1 1J8L B 1 ? 12 ? 1J8L 13 ? 24 ? 13 24 
# 
loop_
_chem_comp.id 
_chem_comp.type 
_chem_comp.mon_nstd_flag 
_chem_comp.name 
_chem_comp.pdbx_synonyms 
_chem_comp.formula 
_chem_comp.formula_weight 
C45 'DNA linking' n "N4-METHOXY-2'-DEOXY-CYTIDINE-5'-MONOPHOSPHATE" ? 'C10 H16 N3 O8 P' 337.223 
DA  'DNA linking' y "2'-DEOXYADENOSINE-5'-MONOPHOSPHATE"            ? 'C10 H14 N5 O6 P' 331.222 
DC  'DNA linking' y "2'-DEOXYCYTIDINE-5'-MONOPHOSPHATE"             ? 'C9 H14 N3 O7 P'  307.197 
DG  'DNA linking' y "2'-DEOXYGUANOSINE-5'-MONOPHOSPHATE"            ? 'C10 H14 N5 O7 P' 347.221 
DT  'DNA linking' y "THYMIDINE-5'-MONOPHOSPHATE"                    ? 'C10 H15 N2 O8 P' 322.208 
HOH non-polymer   . WATER                                           ? 'H2 O'            18.015  
MG  non-polymer   . 'MAGNESIUM ION'                                 ? 'Mg 2'            24.305  
# 
_exptl.entry_id          1J8L 
_exptl.method            'X-RAY DIFFRACTION' 
_exptl.crystals_number   1 
# 
_exptl_crystal.id                    1 
_exptl_crystal.density_meas          ? 
_exptl_crystal.density_Matthews      2.15 
_exptl_crystal.density_percent_sol   42.77 
_exptl_crystal.description           ? 
# 
_exptl_crystal_grow.crystal_id      1 
_exptl_crystal_grow.method          'VAPOR DIFFUSION, HANGING DROP' 
_exptl_crystal_grow.temp            277 
_exptl_crystal_grow.temp_details    ? 
_exptl_crystal_grow.pH              7.0 
_exptl_crystal_grow.pdbx_details    
'MPD, spermine, magnesium acetate, sodium cacodylate, sodum chloride, pH 7.0, VAPOR DIFFUSION, HANGING DROP, temperature 277K' 
_exptl_crystal_grow.pdbx_pH_range   ? 
# 
loop_
_exptl_crystal_grow_comp.crystal_id 
_exptl_crystal_grow_comp.id 
_exptl_crystal_grow_comp.sol_id 
_exptl_crystal_grow_comp.name 
_exptl_crystal_grow_comp.volume 
_exptl_crystal_grow_comp.conc 
_exptl_crystal_grow_comp.details 
1 1 1 MPD                 ? ? ? 
1 2 1 spermine            ? ? ? 
1 3 1 'magnesium acetate' ? ? ? 
1 4 1 'sodium cacodylate' ? ? ? 
1 5 1 'sodum chloride'    ? ? ? 
# 
_diffrn.id                     1 
_diffrn.ambient_temp           100 
_diffrn.ambient_temp_details   ? 
_diffrn.crystal_id             1 
# 
_diffrn_detector.diffrn_id              1 
_diffrn_detector.detector               DIFFRACTOMETER 
_diffrn_detector.type                   WEISSENBERG 
_diffrn_detector.pdbx_collection_date   2000-12-12 
_diffrn_detector.details                ? 
# 
_diffrn_radiation.diffrn_id                        1 
_diffrn_radiation.wavelength_id                    1 
_diffrn_radiation.pdbx_monochromatic_or_laue_m_l   M 
_diffrn_radiation.monochromator                    ? 
_diffrn_radiation.pdbx_diffrn_protocol             'SINGLE WAVELENGTH' 
_diffrn_radiation.pdbx_scattering_type             x-ray 
# 
_diffrn_radiation_wavelength.id           1 
_diffrn_radiation_wavelength.wavelength   1.0 
_diffrn_radiation_wavelength.wt           1.0 
# 
_diffrn_source.diffrn_id                   1 
_diffrn_source.source                      SYNCHROTRON 
_diffrn_source.type                        'PHOTON FACTORY BEAMLINE BL-18B' 
_diffrn_source.pdbx_synchrotron_site       'Photon Factory' 
_diffrn_source.pdbx_synchrotron_beamline   BL-18B 
_diffrn_source.pdbx_wavelength             ? 
_diffrn_source.pdbx_wavelength_list        1.0 
# 
_reflns.entry_id                     1J8L 
_reflns.observed_criterion_sigma_I   ? 
_reflns.observed_criterion_sigma_F   ? 
_reflns.d_resolution_low             100 
_reflns.d_resolution_high            1.6 
_reflns.number_obs                   7855 
_reflns.number_all                   62759 
_reflns.percent_possible_obs         86.1 
_reflns.pdbx_Rmerge_I_obs            0.058 
_reflns.pdbx_Rsym_value              ? 
_reflns.pdbx_netI_over_sigmaI        ? 
_reflns.B_iso_Wilson_estimate        ? 
_reflns.pdbx_redundancy              8.0 
_reflns.R_free_details               ? 
_reflns.pdbx_diffrn_id               1 
_reflns.pdbx_ordinal                 1 
# 
_reflns_shell.d_res_high             1.6 
_reflns_shell.d_res_low              1.69 
_reflns_shell.percent_possible_all   38.4 
_reflns_shell.Rmerge_I_obs           0.132 
_reflns_shell.pdbx_Rsym_value        ? 
_reflns_shell.meanI_over_sigI_obs    5.5 
_reflns_shell.pdbx_redundancy        ? 
_reflns_shell.percent_possible_obs   ? 
_reflns_shell.number_unique_all      ? 
_reflns_shell.pdbx_diffrn_id         ? 
_reflns_shell.pdbx_ordinal           1 
# 
_refine.entry_id                                 1J8L 
_refine.ls_number_reflns_obs                     ? 
_refine.ls_number_reflns_all                     6515 
_refine.pdbx_ls_sigma_I                          ? 
_refine.pdbx_ls_sigma_F                          3.0 
_refine.pdbx_data_cutoff_high_absF               ? 
_refine.pdbx_data_cutoff_low_absF                ? 
_refine.ls_d_res_low                             10.0 
_refine.ls_d_res_high                            1.6 
_refine.ls_percent_reflns_obs                    ? 
_refine.ls_R_factor_obs                          ? 
_refine.ls_R_factor_all                          ? 
_refine.ls_R_factor_R_work                       0.218 
_refine.ls_R_factor_R_free                       0.258 
_refine.ls_R_factor_R_free_error                 ? 
_refine.ls_R_factor_R_free_error_details         ? 
_refine.ls_percent_reflns_R_free                 ? 
_refine.ls_number_reflns_R_free                  685 
_refine.ls_number_parameters                     ? 
_refine.ls_number_restraints                     ? 
_refine.occupancy_min                            ? 
_refine.occupancy_max                            ? 
_refine.B_iso_mean                               ? 
_refine.aniso_B[1][1]                            7.27 
_refine.aniso_B[2][2]                            -0.96 
_refine.aniso_B[3][3]                            -6.31 
_refine.aniso_B[1][2]                            0.00 
_refine.aniso_B[1][3]                            0.00 
_refine.aniso_B[2][3]                            0.00 
_refine.solvent_model_details                    ? 
_refine.solvent_model_param_ksol                 ? 
_refine.solvent_model_param_bsol                 ? 
_refine.pdbx_ls_cross_valid_method               THROUGHOUT 
_refine.details                                  ? 
_refine.pdbx_starting_model                      'PDB ENTRY 355D' 
_refine.pdbx_method_to_determine_struct          'MOLECULAR REPLACEMENT' 
_refine.pdbx_isotropic_thermal_model             ? 
_refine.pdbx_stereochemistry_target_values       ? 
_refine.pdbx_stereochem_target_val_spec_case     ? 
_refine.pdbx_R_Free_selection_details            RANDOM 
_refine.pdbx_overall_ESU_R_Free                  ? 
_refine.overall_SU_B                             ? 
_refine.ls_redundancy_reflns_obs                 ? 
_refine.correlation_coeff_Fo_to_Fc               ? 
_refine.correlation_coeff_Fo_to_Fc_free          ? 
_refine.overall_SU_R_Cruickshank_DPI             ? 
_refine.overall_SU_R_free                        ? 
_refine.overall_SU_ML                            ? 
_refine.pdbx_overall_ESU_R                       ? 
_refine.pdbx_data_cutoff_high_rms_absF           ? 
_refine.pdbx_refine_id                           'X-RAY DIFFRACTION' 
_refine.pdbx_diffrn_id                           1 
_refine.pdbx_TLS_residual_ADP_flag               ? 
_refine.pdbx_solvent_vdw_probe_radii             ? 
_refine.pdbx_solvent_ion_probe_radii             ? 
_refine.pdbx_solvent_shrinkage_radii             ? 
_refine.pdbx_overall_phase_error                 ? 
_refine.pdbx_overall_SU_R_free_Cruickshank_DPI   ? 
_refine.pdbx_overall_SU_R_Blow_DPI               ? 
_refine.pdbx_overall_SU_R_free_Blow_DPI          ? 
# 
_refine_analyze.entry_id                        1J8L 
_refine_analyze.Luzzati_coordinate_error_obs    0.22 
_refine_analyze.Luzzati_sigma_a_obs             ? 
_refine_analyze.Luzzati_d_res_low_obs           5.0 
_refine_analyze.Luzzati_coordinate_error_free   ? 
_refine_analyze.Luzzati_sigma_a_free            ? 
_refine_analyze.Luzzati_d_res_low_free          ? 
_refine_analyze.number_disordered_residues      ? 
_refine_analyze.occupancy_sum_hydrogen          ? 
_refine_analyze.occupancy_sum_non_hydrogen      ? 
_refine_analyze.pdbx_refine_id                  'X-RAY DIFFRACTION' 
# 
_refine_hist.pdbx_refine_id                   'X-RAY DIFFRACTION' 
_refine_hist.cycle_id                         LAST 
_refine_hist.pdbx_number_atoms_protein        0 
_refine_hist.pdbx_number_atoms_nucleic_acid   484 
_refine_hist.pdbx_number_atoms_ligand         11 
_refine_hist.number_atoms_solvent             105 
_refine_hist.number_atoms_total               600 
_refine_hist.d_res_high                       1.6 
_refine_hist.d_res_low                        10.0 
# 
loop_
_refine_ls_restr.type 
_refine_ls_restr.dev_ideal 
_refine_ls_restr.dev_ideal_target 
_refine_ls_restr.weight 
_refine_ls_restr.number 
_refine_ls_restr.pdbx_refine_id 
_refine_ls_restr.pdbx_restraint_function 
c_bond_d           0.004 ? ? ? 'X-RAY DIFFRACTION' ? 
c_angle_deg        0.9   ? ? ? 'X-RAY DIFFRACTION' ? 
c_dihedral_angle_d 20.7  ? ? ? 'X-RAY DIFFRACTION' ? 
c_improper_angle_d 1.36  ? ? ? 'X-RAY DIFFRACTION' ? 
# 
_refine_ls_shell.pdbx_total_number_of_bins_used   ? 
_refine_ls_shell.d_res_high                       1.6 
_refine_ls_shell.d_res_low                        1.66 
_refine_ls_shell.number_reflns_R_work             ? 
_refine_ls_shell.R_factor_R_work                  0.206 
_refine_ls_shell.percent_reflns_obs               5.2 
_refine_ls_shell.R_factor_R_free                  0.277 
_refine_ls_shell.R_factor_R_free_error            0.124 
_refine_ls_shell.percent_reflns_R_free            ? 
_refine_ls_shell.number_reflns_R_free             5 
_refine_ls_shell.redundancy_reflns_obs            ? 
_refine_ls_shell.pdbx_refine_id                   'X-RAY DIFFRACTION' 
_refine_ls_shell.number_reflns_all                ? 
_refine_ls_shell.R_factor_all                     ? 
# 
_struct.entry_id                  1J8L 
_struct.title                     
'Molecular and Crystal Structure of D(CGCAAATTMO4CGCG): the Watson-Crick Type N4-Methoxycytidine/Adenosine Base Pair in B-DNA' 
_struct.pdbx_model_details        ? 
_struct.pdbx_CASP_flag            ? 
_struct.pdbx_model_type_details   ? 
# 
_struct_keywords.entry_id        1J8L 
_struct_keywords.pdbx_keywords   DNA 
_struct_keywords.text            'N4-METHOXYCYTOSINE, DNA DAMAGE, B-DNA, DOUBLE HELIX, DEOXYRIBONUCLEIC ACID, DNA' 
# 
loop_
_struct_asym.id 
_struct_asym.pdbx_blank_PDB_chainid_flag 
_struct_asym.pdbx_modified 
_struct_asym.entity_id 
_struct_asym.details 
A N N 1 ? 
B N N 1 ? 
C N N 2 ? 
D N N 3 ? 
E N N 3 ? 
# 
_struct_biol.id                    1 
_struct_biol.pdbx_parent_biol_id   ? 
_struct_biol.details               ? 
# 
loop_
_struct_conn.id 
_struct_conn.conn_type_id 
_struct_conn.pdbx_leaving_atom_flag 
_struct_conn.pdbx_PDB_id 
_struct_conn.ptnr1_label_asym_id 
_struct_conn.ptnr1_label_comp_id 
_struct_conn.ptnr1_label_seq_id 
_struct_conn.ptnr1_label_atom_id 
_struct_conn.pdbx_ptnr1_label_alt_id 
_struct_conn.pdbx_ptnr1_PDB_ins_code 
_struct_conn.pdbx_ptnr1_standard_comp_id 
_struct_conn.ptnr1_symmetry 
_struct_conn.ptnr2_label_asym_id 
_struct_conn.ptnr2_label_comp_id 
_struct_conn.ptnr2_label_seq_id 
_struct_conn.ptnr2_label_atom_id 
_struct_conn.pdbx_ptnr2_label_alt_id 
_struct_conn.pdbx_ptnr2_PDB_ins_code 
_struct_conn.ptnr1_auth_asym_id 
_struct_conn.ptnr1_auth_comp_id 
_struct_conn.ptnr1_auth_seq_id 
_struct_conn.ptnr2_auth_asym_id 
_struct_conn.ptnr2_auth_comp_id 
_struct_conn.ptnr2_auth_seq_id 
_struct_conn.ptnr2_symmetry 
_struct_conn.pdbx_ptnr3_label_atom_id 
_struct_conn.pdbx_ptnr3_label_seq_id 
_struct_conn.pdbx_ptnr3_label_comp_id 
_struct_conn.pdbx_ptnr3_label_asym_id 
_struct_conn.pdbx_ptnr3_label_alt_id 
_struct_conn.pdbx_ptnr3_PDB_ins_code 
_struct_conn.details 
_struct_conn.pdbx_dist_value 
_struct_conn.pdbx_value_order 
_struct_conn.pdbx_role 
covale1  covale both ? A DT  8  "O3'" ? ? ? 1_555 A C45 9  P  ? ? A DT  8   A C45 9   1_555 ? ? ? ? ? ? ?            1.604 ? ? 
covale2  covale one  ? A C45 9  "O3'" ? ? ? 1_555 A DG  10 P  ? ? A C45 9   A DG  10  1_555 ? ? ? ? ? ? ?            1.604 ? ? 
covale3  covale both ? B DT  8  "O3'" ? ? ? 1_555 B C45 9  P  ? ? B DT  20  B C45 21  1_555 ? ? ? ? ? ? ?            1.608 ? ? 
covale4  covale one  ? B C45 9  "O3'" ? ? ? 1_555 B DG  10 P  ? ? B C45 21  B DG  22  1_555 ? ? ? ? ? ? ?            1.610 ? ? 
metalc1  metalc ?    ? C MG  .  MG    ? ? ? 1_555 D HOH .  O  ? ? A MG  106 A HOH 107 1_555 ? ? ? ? ? ? ?            2.057 ? ? 
metalc2  metalc ?    ? C MG  .  MG    ? ? ? 1_555 D HOH .  O  ? ? A MG  106 A HOH 108 1_555 ? ? ? ? ? ? ?            2.066 ? ? 
metalc3  metalc ?    ? C MG  .  MG    ? ? ? 1_555 D HOH .  O  ? ? A MG  106 A HOH 109 1_555 ? ? ? ? ? ? ?            2.063 ? ? 
metalc4  metalc ?    ? C MG  .  MG    ? ? ? 1_555 D HOH .  O  ? ? A MG  106 A HOH 110 1_555 ? ? ? ? ? ? ?            2.063 ? ? 
metalc5  metalc ?    ? C MG  .  MG    ? ? ? 1_555 E HOH .  O  ? ? A MG  106 B HOH 107 1_555 ? ? ? ? ? ? ?            2.066 ? ? 
metalc6  metalc ?    ? C MG  .  MG    ? ? ? 1_555 E HOH .  O  ? ? A MG  106 B HOH 108 1_555 ? ? ? ? ? ? ?            2.069 ? ? 
hydrog1  hydrog ?    ? A DC  1  N3    ? ? ? 1_555 B DG  12 N1 ? ? A DC  1   B DG  24  1_555 ? ? ? ? ? ? WATSON-CRICK ?     ? ? 
hydrog2  hydrog ?    ? A DC  1  N4    ? ? ? 1_555 B DG  12 O6 ? ? A DC  1   B DG  24  1_555 ? ? ? ? ? ? WATSON-CRICK ?     ? ? 
hydrog3  hydrog ?    ? A DC  1  O2    ? ? ? 1_555 B DG  12 N2 ? ? A DC  1   B DG  24  1_555 ? ? ? ? ? ? WATSON-CRICK ?     ? ? 
hydrog4  hydrog ?    ? A DG  2  N1    ? ? ? 1_555 B DC  11 N3 ? ? A DG  2   B DC  23  1_555 ? ? ? ? ? ? WATSON-CRICK ?     ? ? 
hydrog5  hydrog ?    ? A DG  2  N2    ? ? ? 1_555 B DC  11 O2 ? ? A DG  2   B DC  23  1_555 ? ? ? ? ? ? WATSON-CRICK ?     ? ? 
hydrog6  hydrog ?    ? A DG  2  O6    ? ? ? 1_555 B DC  11 N4 ? ? A DG  2   B DC  23  1_555 ? ? ? ? ? ? WATSON-CRICK ?     ? ? 
hydrog7  hydrog ?    ? A DC  3  N3    ? ? ? 1_555 B DG  10 N1 ? ? A DC  3   B DG  22  1_555 ? ? ? ? ? ? WATSON-CRICK ?     ? ? 
hydrog8  hydrog ?    ? A DC  3  N4    ? ? ? 1_555 B DG  10 O6 ? ? A DC  3   B DG  22  1_555 ? ? ? ? ? ? WATSON-CRICK ?     ? ? 
hydrog9  hydrog ?    ? A DC  3  O2    ? ? ? 1_555 B DG  10 N2 ? ? A DC  3   B DG  22  1_555 ? ? ? ? ? ? WATSON-CRICK ?     ? ? 
hydrog10 hydrog ?    ? A DA  5  N1    ? ? ? 1_555 B DT  8  N3 ? ? A DA  5   B DT  20  1_555 ? ? ? ? ? ? WATSON-CRICK ?     ? ? 
hydrog11 hydrog ?    ? A DA  5  N6    ? ? ? 1_555 B DT  8  O4 ? ? A DA  5   B DT  20  1_555 ? ? ? ? ? ? WATSON-CRICK ?     ? ? 
hydrog12 hydrog ?    ? A DA  6  N1    ? ? ? 1_555 B DT  7  N3 ? ? A DA  6   B DT  19  1_555 ? ? ? ? ? ? WATSON-CRICK ?     ? ? 
hydrog13 hydrog ?    ? A DA  6  N6    ? ? ? 1_555 B DT  7  O4 ? ? A DA  6   B DT  19  1_555 ? ? ? ? ? ? WATSON-CRICK ?     ? ? 
hydrog14 hydrog ?    ? A DT  7  N3    ? ? ? 1_555 B DA  6  N1 ? ? A DT  7   B DA  18  1_555 ? ? ? ? ? ? WATSON-CRICK ?     ? ? 
hydrog15 hydrog ?    ? A DT  7  O4    ? ? ? 1_555 B DA  6  N6 ? ? A DT  7   B DA  18  1_555 ? ? ? ? ? ? WATSON-CRICK ?     ? ? 
hydrog16 hydrog ?    ? A DT  8  N3    ? ? ? 1_555 B DA  5  N1 ? ? A DT  8   B DA  17  1_555 ? ? ? ? ? ? WATSON-CRICK ?     ? ? 
hydrog17 hydrog ?    ? A DT  8  O4    ? ? ? 1_555 B DA  5  N6 ? ? A DT  8   B DA  17  1_555 ? ? ? ? ? ? WATSON-CRICK ?     ? ? 
hydrog18 hydrog ?    ? A DG  10 N1    ? ? ? 1_555 B DC  3  N3 ? ? A DG  10  B DC  15  1_555 ? ? ? ? ? ? WATSON-CRICK ?     ? ? 
hydrog19 hydrog ?    ? A DG  10 N2    ? ? ? 1_555 B DC  3  O2 ? ? A DG  10  B DC  15  1_555 ? ? ? ? ? ? WATSON-CRICK ?     ? ? 
hydrog20 hydrog ?    ? A DG  10 O6    ? ? ? 1_555 B DC  3  N4 ? ? A DG  10  B DC  15  1_555 ? ? ? ? ? ? WATSON-CRICK ?     ? ? 
hydrog21 hydrog ?    ? A DC  11 N3    ? ? ? 1_555 B DG  2  N1 ? ? A DC  11  B DG  14  1_555 ? ? ? ? ? ? WATSON-CRICK ?     ? ? 
hydrog22 hydrog ?    ? A DC  11 N4    ? ? ? 1_555 B DG  2  O6 ? ? A DC  11  B DG  14  1_555 ? ? ? ? ? ? WATSON-CRICK ?     ? ? 
hydrog23 hydrog ?    ? A DC  11 O2    ? ? ? 1_555 B DG  2  N2 ? ? A DC  11  B DG  14  1_555 ? ? ? ? ? ? WATSON-CRICK ?     ? ? 
hydrog24 hydrog ?    ? A DG  12 N1    ? ? ? 1_555 B DC  1  N3 ? ? A DG  12  B DC  13  1_555 ? ? ? ? ? ? WATSON-CRICK ?     ? ? 
hydrog25 hydrog ?    ? A DG  12 N2    ? ? ? 1_555 B DC  1  O2 ? ? A DG  12  B DC  13  1_555 ? ? ? ? ? ? WATSON-CRICK ?     ? ? 
hydrog26 hydrog ?    ? A DG  12 O6    ? ? ? 1_555 B DC  1  N4 ? ? A DG  12  B DC  13  1_555 ? ? ? ? ? ? WATSON-CRICK ?     ? ? 
# 
loop_
_struct_conn_type.id 
_struct_conn_type.criteria 
_struct_conn_type.reference 
covale ? ? 
metalc ? ? 
hydrog ? ? 
# 
_struct_site.id                   AC1 
_struct_site.pdbx_evidence_code   Software 
_struct_site.pdbx_auth_asym_id    A 
_struct_site.pdbx_auth_comp_id    MG 
_struct_site.pdbx_auth_seq_id     106 
_struct_site.pdbx_auth_ins_code   ? 
_struct_site.pdbx_num_residues    6 
_struct_site.details              'BINDING SITE FOR RESIDUE MG A 106' 
# 
loop_
_struct_site_gen.id 
_struct_site_gen.site_id 
_struct_site_gen.pdbx_num_res 
_struct_site_gen.label_comp_id 
_struct_site_gen.label_asym_id 
_struct_site_gen.label_seq_id 
_struct_site_gen.pdbx_auth_ins_code 
_struct_site_gen.auth_comp_id 
_struct_site_gen.auth_asym_id 
_struct_site_gen.auth_seq_id 
_struct_site_gen.label_atom_id 
_struct_site_gen.label_alt_id 
_struct_site_gen.symmetry 
_struct_site_gen.details 
1 AC1 6 HOH D . ? HOH A 107 . ? 1_555 ? 
2 AC1 6 HOH D . ? HOH A 108 . ? 1_555 ? 
3 AC1 6 HOH D . ? HOH A 109 . ? 1_555 ? 
4 AC1 6 HOH D . ? HOH A 110 . ? 1_555 ? 
5 AC1 6 HOH E . ? HOH B 107 . ? 1_555 ? 
6 AC1 6 HOH E . ? HOH B 108 . ? 1_555 ? 
# 
_atom_sites.entry_id                    1J8L 
_atom_sites.fract_transf_matrix[1][1]   0.02235918 
_atom_sites.fract_transf_matrix[1][2]   -0.03355576 
_atom_sites.fract_transf_matrix[1][3]   0.00015038 
_atom_sites.fract_transf_matrix[2][1]   -0.00568634 
_atom_sites.fract_transf_matrix[2][2]   -0.00368200 
_atom_sites.fract_transf_matrix[2][3]   0.02387139 
_atom_sites.fract_transf_matrix[3][1]   -0.01221373 
_atom_sites.fract_transf_matrix[3][2]   -0.00815704 
_atom_sites.fract_transf_matrix[3][3]   -0.00416757 
_atom_sites.fract_transf_vector[1]      0.419593 
_atom_sites.fract_transf_vector[2]      0.024122 
_atom_sites.fract_transf_vector[3]      0.369955 
# 
loop_
_atom_type.symbol 
C  
MG 
N  
O  
P  
# 
loop_
_atom_site.group_PDB 
_atom_site.id 
_atom_site.type_symbol 
_atom_site.label_atom_id 
_atom_site.label_alt_id 
_atom_site.label_comp_id 
_atom_site.label_asym_id 
_atom_site.label_entity_id 
_atom_site.label_seq_id 
_atom_site.pdbx_PDB_ins_code 
_atom_site.Cartn_x 
_atom_site.Cartn_y 
_atom_site.Cartn_z 
_atom_site.occupancy 
_atom_site.B_iso_or_equiv 
_atom_site.pdbx_formal_charge 
_atom_site.auth_seq_id 
_atom_site.auth_comp_id 
_atom_site.auth_asym_id 
_atom_site.auth_atom_id 
_atom_site.pdbx_PDB_model_num 
ATOM   1   O  "O5'" . DC  A 1 1  ? 5.709   10.414  17.481  1.00 35.72 ? 1   DC  A "O5'" 1 
ATOM   2   C  "C5'" . DC  A 1 1  ? 6.786   10.264  16.547  1.00 33.95 ? 1   DC  A "C5'" 1 
ATOM   3   C  "C4'" . DC  A 1 1  ? 6.573   11.152  15.344  1.00 32.08 ? 1   DC  A "C4'" 1 
ATOM   4   O  "O4'" . DC  A 1 1  ? 7.697   11.043  14.440  1.00 30.29 ? 1   DC  A "O4'" 1 
ATOM   5   C  "C3'" . DC  A 1 1  ? 5.335   10.821  14.514  1.00 32.79 ? 1   DC  A "C3'" 1 
ATOM   6   O  "O3'" . DC  A 1 1  ? 4.774   12.049  14.039  1.00 35.59 ? 1   DC  A "O3'" 1 
ATOM   7   C  "C2'" . DC  A 1 1  ? 5.898   9.986   13.375  1.00 30.77 ? 1   DC  A "C2'" 1 
ATOM   8   C  "C1'" . DC  A 1 1  ? 7.251   10.638  13.154  1.00 27.86 ? 1   DC  A "C1'" 1 
ATOM   9   N  N1    . DC  A 1 1  ? 8.305   9.791   12.561  1.00 25.49 ? 1   DC  A N1    1 
ATOM   10  C  C2    . DC  A 1 1  ? 9.066   10.310  11.505  1.00 22.52 ? 1   DC  A C2    1 
ATOM   11  O  O2    . DC  A 1 1  ? 8.795   11.433  11.076  1.00 23.41 ? 1   DC  A O2    1 
ATOM   12  N  N3    . DC  A 1 1  ? 10.068  9.573   10.982  1.00 23.01 ? 1   DC  A N3    1 
ATOM   13  C  C4    . DC  A 1 1  ? 10.319  8.352   11.463  1.00 22.67 ? 1   DC  A C4    1 
ATOM   14  N  N4    . DC  A 1 1  ? 11.326  7.663   10.920  1.00 22.06 ? 1   DC  A N4    1 
ATOM   15  C  C5    . DC  A 1 1  ? 9.549   7.788   12.525  1.00 24.57 ? 1   DC  A C5    1 
ATOM   16  C  C6    . DC  A 1 1  ? 8.559   8.535   13.037  1.00 23.48 ? 1   DC  A C6    1 
ATOM   17  P  P     . DG  A 1 2  ? 3.233   12.112  13.591  1.00 37.16 ? 2   DG  A P     1 
ATOM   18  O  OP1   . DG  A 1 2  ? 2.627   13.282  14.279  1.00 38.82 ? 2   DG  A OP1   1 
ATOM   19  O  OP2   . DG  A 1 2  ? 2.613   10.773  13.742  1.00 37.63 ? 2   DG  A OP2   1 
ATOM   20  O  "O5'" . DG  A 1 2  ? 3.327   12.448  12.040  1.00 36.41 ? 2   DG  A "O5'" 1 
ATOM   21  C  "C5'" . DG  A 1 2  ? 3.887   13.681  11.598  1.00 34.97 ? 2   DG  A "C5'" 1 
ATOM   22  C  "C4'" . DG  A 1 2  ? 4.053   13.663  10.099  1.00 33.49 ? 2   DG  A "C4'" 1 
ATOM   23  O  "O4'" . DG  A 1 2  ? 5.184   12.837  9.732   1.00 32.89 ? 2   DG  A "O4'" 1 
ATOM   24  C  "C3'" . DG  A 1 2  ? 2.842   13.094  9.360   1.00 33.91 ? 2   DG  A "C3'" 1 
ATOM   25  O  "O3'" . DG  A 1 2  ? 2.511   13.936  8.256   1.00 34.82 ? 2   DG  A "O3'" 1 
ATOM   26  C  "C2'" . DG  A 1 2  ? 3.309   11.727  8.891   1.00 32.88 ? 2   DG  A "C2'" 1 
ATOM   27  C  "C1'" . DG  A 1 2  ? 4.804   11.929  8.714   1.00 29.57 ? 2   DG  A "C1'" 1 
ATOM   28  N  N9    . DG  A 1 2  ? 5.600   10.718  8.886   1.00 26.22 ? 2   DG  A N9    1 
ATOM   29  C  C8    . DG  A 1 2  ? 5.409   9.730   9.823   1.00 24.36 ? 2   DG  A C8    1 
ATOM   30  N  N7    . DG  A 1 2  ? 6.294   8.774   9.746   1.00 23.64 ? 2   DG  A N7    1 
ATOM   31  C  C5    . DG  A 1 2  ? 7.117   9.149   8.692   1.00 22.33 ? 2   DG  A C5    1 
ATOM   32  C  C6    . DG  A 1 2  ? 8.252   8.502   8.140   1.00 22.01 ? 2   DG  A C6    1 
ATOM   33  O  O6    . DG  A 1 2  ? 8.779   7.429   8.494   1.00 22.25 ? 2   DG  A O6    1 
ATOM   34  N  N1    . DG  A 1 2  ? 8.783   9.222   7.071   1.00 20.93 ? 2   DG  A N1    1 
ATOM   35  C  C2    . DG  A 1 2  ? 8.283   10.412  6.594   1.00 21.52 ? 2   DG  A C2    1 
ATOM   36  N  N2    . DG  A 1 2  ? 8.912   10.939  5.547   1.00 20.71 ? 2   DG  A N2    1 
ATOM   37  N  N3    . DG  A 1 2  ? 7.231   11.033  7.112   1.00 22.53 ? 2   DG  A N3    1 
ATOM   38  C  C4    . DG  A 1 2  ? 6.701   10.348  8.150   1.00 22.93 ? 2   DG  A C4    1 
ATOM   39  P  P     . DC  A 1 3  ? 1.132   13.710  7.467   1.00 35.49 ? 3   DC  A P     1 
ATOM   40  O  OP1   . DC  A 1 3  ? 0.378   14.983  7.555   1.00 36.98 ? 3   DC  A OP1   1 
ATOM   41  O  OP2   . DC  A 1 3  ? 0.501   12.449  7.932   1.00 38.34 ? 3   DC  A OP2   1 
ATOM   42  O  "O5'" . DC  A 1 3  ? 1.615   13.488  5.968   1.00 33.78 ? 3   DC  A "O5'" 1 
ATOM   43  C  "C5'" . DC  A 1 3  ? 2.646   14.294  5.405   1.00 33.79 ? 3   DC  A "C5'" 1 
ATOM   44  C  "C4'" . DC  A 1 3  ? 3.417   13.506  4.372   1.00 33.13 ? 3   DC  A "C4'" 1 
ATOM   45  O  "O4'" . DC  A 1 3  ? 4.177   12.465  5.017   1.00 32.96 ? 3   DC  A "O4'" 1 
ATOM   46  C  "C3'" . DC  A 1 3  ? 2.536   12.811  3.337   1.00 33.80 ? 3   DC  A "C3'" 1 
ATOM   47  O  "O3'" . DC  A 1 3  ? 2.639   13.513  2.100   1.00 35.93 ? 3   DC  A "O3'" 1 
ATOM   48  C  "C2'" . DC  A 1 3  ? 3.098   11.401  3.217   1.00 31.89 ? 3   DC  A "C2'" 1 
ATOM   49  C  "C1'" . DC  A 1 3  ? 4.301   11.357  4.149   1.00 30.02 ? 3   DC  A "C1'" 1 
ATOM   50  N  N1    . DC  A 1 3  ? 4.365   10.153  4.989   1.00 27.81 ? 3   DC  A N1    1 
ATOM   51  C  C2    . DC  A 1 3  ? 5.439   9.268   4.827   1.00 25.01 ? 3   DC  A C2    1 
ATOM   52  O  O2    . DC  A 1 3  ? 6.274   9.500   3.953   1.00 24.51 ? 3   DC  A O2    1 
ATOM   53  N  N3    . DC  A 1 3  ? 5.534   8.184   5.629   1.00 24.66 ? 3   DC  A N3    1 
ATOM   54  C  C4    . DC  A 1 3  ? 4.602   7.958   6.553   1.00 25.80 ? 3   DC  A C4    1 
ATOM   55  N  N4    . DC  A 1 3  ? 4.744   6.882   7.332   1.00 24.19 ? 3   DC  A N4    1 
ATOM   56  C  C5    . DC  A 1 3  ? 3.480   8.829   6.725   1.00 25.72 ? 3   DC  A C5    1 
ATOM   57  C  C6    . DC  A 1 3  ? 3.403   9.903   5.927   1.00 26.54 ? 3   DC  A C6    1 
ATOM   58  P  P     . DA  A 1 4  ? 1.773   13.038  0.839   1.00 37.52 ? 4   DA  A P     1 
ATOM   59  O  OP1   . DA  A 1 4  ? 1.421   14.268  0.084   1.00 39.30 ? 4   DA  A OP1   1 
ATOM   60  O  OP2   . DA  A 1 4  ? 0.699   12.120  1.295   1.00 35.92 ? 4   DA  A OP2   1 
ATOM   61  O  "O5'" . DA  A 1 4  ? 2.814   12.205  -0.028  1.00 36.43 ? 4   DA  A "O5'" 1 
ATOM   62  C  "C5'" . DA  A 1 4  ? 4.078   12.763  -0.363  1.00 35.79 ? 4   DA  A "C5'" 1 
ATOM   63  C  "C4'" . DA  A 1 4  ? 4.901   11.760  -1.133  1.00 35.22 ? 4   DA  A "C4'" 1 
ATOM   64  O  "O4'" . DA  A 1 4  ? 5.251   10.657  -0.271  1.00 33.26 ? 4   DA  A "O4'" 1 
ATOM   65  C  "C3'" . DA  A 1 4  ? 4.183   11.145  -2.331  1.00 35.12 ? 4   DA  A "C3'" 1 
ATOM   66  O  "O3'" . DA  A 1 4  ? 5.118   10.956  -3.391  1.00 35.05 ? 4   DA  A "O3'" 1 
ATOM   67  C  "C2'" . DA  A 1 4  ? 3.664   9.824   -1.797  1.00 33.60 ? 4   DA  A "C2'" 1 
ATOM   68  C  "C1'" . DA  A 1 4  ? 4.703   9.440   -0.756  1.00 32.02 ? 4   DA  A "C1'" 1 
ATOM   69  N  N9    . DA  A 1 4  ? 4.175   8.713   0.397   1.00 30.82 ? 4   DA  A N9    1 
ATOM   70  C  C8    . DA  A 1 4  ? 2.989   8.913   1.052   1.00 27.56 ? 4   DA  A C8    1 
ATOM   71  N  N7    . DA  A 1 4  ? 2.816   8.127   2.085   1.00 29.97 ? 4   DA  A N7    1 
ATOM   72  C  C5    . DA  A 1 4  ? 3.962   7.346   2.106   1.00 29.69 ? 4   DA  A C5    1 
ATOM   73  C  C6    . DA  A 1 4  ? 4.392   6.317   2.962   1.00 28.21 ? 4   DA  A C6    1 
ATOM   74  N  N6    . DA  A 1 4  ? 3.695   5.891   4.018   1.00 25.86 ? 4   DA  A N6    1 
ATOM   75  N  N1    . DA  A 1 4  ? 5.581   5.735   2.696   1.00 28.21 ? 4   DA  A N1    1 
ATOM   76  C  C2    . DA  A 1 4  ? 6.284   6.170   1.645   1.00 29.49 ? 4   DA  A C2    1 
ATOM   77  N  N3    . DA  A 1 4  ? 5.991   7.132   0.771   1.00 30.46 ? 4   DA  A N3    1 
ATOM   78  C  C4    . DA  A 1 4  ? 4.802   7.686   1.062   1.00 30.16 ? 4   DA  A C4    1 
ATOM   79  P  P     . DA  A 1 5  ? 4.637   10.278  -4.764  1.00 37.86 ? 5   DA  A P     1 
ATOM   80  O  OP1   . DA  A 1 5  ? 5.336   10.984  -5.860  1.00 38.51 ? 5   DA  A OP1   1 
ATOM   81  O  OP2   . DA  A 1 5  ? 3.154   10.188  -4.764  1.00 36.94 ? 5   DA  A OP2   1 
ATOM   82  O  "O5'" . DA  A 1 5  ? 5.227   8.805   -4.670  1.00 34.26 ? 5   DA  A "O5'" 1 
ATOM   83  C  "C5'" . DA  A 1 5  ? 6.591   8.607   -4.326  1.00 32.47 ? 5   DA  A "C5'" 1 
ATOM   84  C  "C4'" . DA  A 1 5  ? 6.828   7.161   -3.969  1.00 30.14 ? 5   DA  A "C4'" 1 
ATOM   85  O  "O4'" . DA  A 1 5  ? 6.089   6.822   -2.780  1.00 29.90 ? 5   DA  A "O4'" 1 
ATOM   86  C  "C3'" . DA  A 1 5  ? 6.401   6.165   -5.046  1.00 29.31 ? 5   DA  A "C3'" 1 
ATOM   87  O  "O3'" . DA  A 1 5  ? 7.574   5.488   -5.514  1.00 30.11 ? 5   DA  A "O3'" 1 
ATOM   88  C  "C2'" . DA  A 1 5  ? 5.407   5.241   -4.350  1.00 29.08 ? 5   DA  A "C2'" 1 
ATOM   89  C  "C1'" . DA  A 1 5  ? 5.659   5.483   -2.871  1.00 26.85 ? 5   DA  A "C1'" 1 
ATOM   90  N  N9    . DA  A 1 5  ? 4.505   5.354   -1.984  1.00 27.02 ? 5   DA  A N9    1 
ATOM   91  C  C8    . DA  A 1 5  ? 3.359   6.107   -1.994  1.00 24.72 ? 5   DA  A C8    1 
ATOM   92  N  N7    . DA  A 1 5  ? 2.533   5.826   -1.019  1.00 24.91 ? 5   DA  A N7    1 
ATOM   93  C  C5    . DA  A 1 5  ? 3.166   4.803   -0.328  1.00 24.93 ? 5   DA  A C5    1 
ATOM   94  C  C6    . DA  A 1 5  ? 2.810   4.076   0.817   1.00 24.55 ? 5   DA  A C6    1 
ATOM   95  N  N6    . DA  A 1 5  ? 1.686   4.284   1.505   1.00 24.15 ? 5   DA  A N6    1 
ATOM   96  N  N1    . DA  A 1 5  ? 3.662   3.118   1.242   1.00 24.32 ? 5   DA  A N1    1 
ATOM   97  C  C2    . DA  A 1 5  ? 4.796   2.919   0.558   1.00 23.86 ? 5   DA  A C2    1 
ATOM   98  N  N3    . DA  A 1 5  ? 5.247   3.546   -0.528  1.00 24.81 ? 5   DA  A N3    1 
ATOM   99  C  C4    . DA  A 1 5  ? 4.375   4.488   -0.925  1.00 25.38 ? 5   DA  A C4    1 
ATOM   100 P  P     . DA  A 1 6  ? 7.455   4.368   -6.657  1.00 29.22 ? 6   DA  A P     1 
ATOM   101 O  OP1   . DA  A 1 6  ? 8.783   4.270   -7.315  1.00 31.18 ? 6   DA  A OP1   1 
ATOM   102 O  OP2   . DA  A 1 6  ? 6.242   4.628   -7.468  1.00 30.30 ? 6   DA  A OP2   1 
ATOM   103 O  "O5'" . DA  A 1 6  ? 7.209   3.032   -5.829  1.00 28.45 ? 6   DA  A "O5'" 1 
ATOM   104 C  "C5'" . DA  A 1 6  ? 8.169   2.580   -4.882  1.00 26.41 ? 6   DA  A "C5'" 1 
ATOM   105 C  "C4'" . DA  A 1 6  ? 7.651   1.353   -4.174  1.00 24.73 ? 6   DA  A "C4'" 1 
ATOM   106 O  "O4'" . DA  A 1 6  ? 6.503   1.721   -3.380  1.00 23.52 ? 6   DA  A "O4'" 1 
ATOM   107 C  "C3'" . DA  A 1 6  ? 7.187   0.231   -5.107  1.00 24.12 ? 6   DA  A "C3'" 1 
ATOM   108 O  "O3'" . DA  A 1 6  ? 7.974   -0.935  -4.848  1.00 24.34 ? 6   DA  A "O3'" 1 
ATOM   109 C  "C2'" . DA  A 1 6  ? 5.714   0.026   -4.768  1.00 24.02 ? 6   DA  A "C2'" 1 
ATOM   110 C  "C1'" . DA  A 1 6  ? 5.571   0.662   -3.396  1.00 22.46 ? 6   DA  A "C1'" 1 
ATOM   111 N  N9    . DA  A 1 6  ? 4.259   1.239   -3.089  1.00 22.27 ? 6   DA  A N9    1 
ATOM   112 C  C8    . DA  A 1 6  ? 3.602   2.231   -3.771  1.00 21.17 ? 6   DA  A C8    1 
ATOM   113 N  N7    . DA  A 1 6  ? 2.474   2.600   -3.210  1.00 22.45 ? 6   DA  A N7    1 
ATOM   114 C  C5    . DA  A 1 6  ? 2.372   1.785   -2.094  1.00 19.76 ? 6   DA  A C5    1 
ATOM   115 C  C6    . DA  A 1 6  ? 1.406   1.693   -1.074  1.00 21.04 ? 6   DA  A C6    1 
ATOM   116 N  N6    . DA  A 1 6  ? 0.333   2.480   -1.002  1.00 18.17 ? 6   DA  A N6    1 
ATOM   117 N  N1    . DA  A 1 6  ? 1.592   0.762   -0.113  1.00 19.70 ? 6   DA  A N1    1 
ATOM   118 C  C2    . DA  A 1 6  ? 2.689   -0.006  -0.173  1.00 22.97 ? 6   DA  A C2    1 
ATOM   119 N  N3    . DA  A 1 6  ? 3.674   -0.004  -1.069  1.00 20.49 ? 6   DA  A N3    1 
ATOM   120 C  C4    . DA  A 1 6  ? 3.453   0.925   -2.016  1.00 22.68 ? 6   DA  A C4    1 
ATOM   121 P  P     . DT  A 1 7  ? 7.739   -2.271  -5.699  1.00 22.76 ? 7   DT  A P     1 
ATOM   122 O  OP1   . DT  A 1 7  ? 9.011   -3.032  -5.684  1.00 24.75 ? 7   DT  A OP1   1 
ATOM   123 O  OP2   . DT  A 1 7  ? 7.088   -1.955  -6.993  1.00 25.71 ? 7   DT  A OP2   1 
ATOM   124 O  "O5'" . DT  A 1 7  ? 6.704   -3.073  -4.799  1.00 23.98 ? 7   DT  A "O5'" 1 
ATOM   125 C  "C5'" . DT  A 1 7  ? 7.004   -3.326  -3.432  1.00 21.97 ? 7   DT  A "C5'" 1 
ATOM   126 C  "C4'" . DT  A 1 7  ? 5.793   -3.880  -2.723  1.00 23.78 ? 7   DT  A "C4'" 1 
ATOM   127 O  "O4'" . DT  A 1 7  ? 4.756   -2.883  -2.657  1.00 21.76 ? 7   DT  A "O4'" 1 
ATOM   128 C  "C3'" . DT  A 1 7  ? 5.166   -5.107  -3.389  1.00 25.31 ? 7   DT  A "C3'" 1 
ATOM   129 O  "O3'" . DT  A 1 7  ? 5.349   -6.225  -2.520  1.00 28.32 ? 7   DT  A "O3'" 1 
ATOM   130 C  "C2'" . DT  A 1 7  ? 3.695   -4.736  -3.570  1.00 24.12 ? 7   DT  A "C2'" 1 
ATOM   131 C  "C1'" . DT  A 1 7  ? 3.519   -3.554  -2.632  1.00 21.04 ? 7   DT  A "C1'" 1 
ATOM   132 N  N1    . DT  A 1 7  ? 2.471   -2.574  -2.985  1.00 20.08 ? 7   DT  A N1    1 
ATOM   133 C  C2    . DT  A 1 7  ? 1.403   -2.444  -2.122  1.00 19.82 ? 7   DT  A C2    1 
ATOM   134 O  O2    . DT  A 1 7  ? 1.263   -3.131  -1.128  1.00 21.32 ? 7   DT  A O2    1 
ATOM   135 N  N3    . DT  A 1 7  ? 0.495   -1.473  -2.474  1.00 19.28 ? 7   DT  A N3    1 
ATOM   136 C  C4    . DT  A 1 7  ? 0.543   -0.647  -3.575  1.00 20.11 ? 7   DT  A C4    1 
ATOM   137 O  O4    . DT  A 1 7  ? -0.330  0.200   -3.739  1.00 19.19 ? 7   DT  A O4    1 
ATOM   138 C  C5    . DT  A 1 7  ? 1.668   -0.860  -4.461  1.00 17.81 ? 7   DT  A C5    1 
ATOM   139 C  C7    . DT  A 1 7  ? 1.783   -0.026  -5.699  1.00 21.74 ? 7   DT  A C7    1 
ATOM   140 C  C6    . DT  A 1 7  ? 2.565   -1.803  -4.127  1.00 18.66 ? 7   DT  A C6    1 
ATOM   141 P  P     . DT  A 1 8  ? 4.916   -7.693  -2.997  1.00 30.38 ? 8   DT  A P     1 
ATOM   142 O  OP1   . DT  A 1 8  ? 5.917   -8.636  -2.437  1.00 32.24 ? 8   DT  A OP1   1 
ATOM   143 O  OP2   . DT  A 1 8  ? 4.646   -7.689  -4.456  1.00 29.90 ? 8   DT  A OP2   1 
ATOM   144 O  "O5'" . DT  A 1 8  ? 3.536   -7.918  -2.239  1.00 29.93 ? 8   DT  A "O5'" 1 
ATOM   145 C  "C5'" . DT  A 1 8  ? 3.434   -7.669  -0.841  1.00 29.30 ? 8   DT  A "C5'" 1 
ATOM   146 C  "C4'" . DT  A 1 8  ? 1.984   -7.640  -0.423  1.00 28.67 ? 8   DT  A "C4'" 1 
ATOM   147 O  "O4'" . DT  A 1 8  ? 1.335   -6.475  -0.966  1.00 26.41 ? 8   DT  A "O4'" 1 
ATOM   148 C  "C3'" . DT  A 1 8  ? 1.165   -8.849  -0.886  1.00 29.52 ? 8   DT  A "C3'" 1 
ATOM   149 O  "O3'" . DT  A 1 8  ? 0.757   -9.589  0.269   1.00 30.98 ? 8   DT  A "O3'" 1 
ATOM   150 C  "C2'" . DT  A 1 8  ? -0.015  -8.255  -1.650  1.00 27.88 ? 8   DT  A "C2'" 1 
ATOM   151 C  "C1'" . DT  A 1 8  ? -0.015  -6.790  -1.238  1.00 25.75 ? 8   DT  A "C1'" 1 
ATOM   152 N  N1    . DT  A 1 8  ? -0.497  -5.827  -2.246  1.00 22.71 ? 8   DT  A N1    1 
ATOM   153 C  C2    . DT  A 1 8  ? -1.656  -5.131  -1.977  1.00 20.29 ? 8   DT  A C2    1 
ATOM   154 O  O2    . DT  A 1 8  ? -2.340  -5.325  -0.985  1.00 21.50 ? 8   DT  A O2    1 
ATOM   155 N  N3    . DT  A 1 8  ? -1.992  -4.194  -2.921  1.00 21.30 ? 8   DT  A N3    1 
ATOM   156 C  C4    . DT  A 1 8  ? -1.306  -3.897  -4.086  1.00 18.17 ? 8   DT  A C4    1 
ATOM   157 O  O4    . DT  A 1 8  ? -1.715  -3.005  -4.815  1.00 19.01 ? 8   DT  A O4    1 
ATOM   158 C  C5    . DT  A 1 8  ? -0.124  -4.695  -4.330  1.00 17.71 ? 8   DT  A C5    1 
ATOM   159 C  C7    . DT  A 1 8  ? 0.663   -4.470  -5.585  1.00 18.26 ? 8   DT  A C7    1 
ATOM   160 C  C6    . DT  A 1 8  ? 0.216   -5.610  -3.411  1.00 20.59 ? 8   DT  A C6    1 
HETATM 161 N  N1    . C45 A 1 9  ? -4.549  -7.731  -1.356  1.00 27.07 ? 9   C45 A N1    1 
HETATM 162 C  C2    . C45 A 1 9  ? -5.391  -6.742  -1.875  1.00 22.10 ? 9   C45 A C2    1 
HETATM 163 N  N3    . C45 A 1 9  ? -5.166  -6.266  -3.119  1.00 21.55 ? 9   C45 A N3    1 
HETATM 164 C  C4    . C45 A 1 9  ? -4.161  -6.740  -3.861  1.00 22.48 ? 9   C45 A C4    1 
HETATM 165 C  C5    . C45 A 1 9  ? -3.333  -7.811  -3.375  1.00 21.82 ? 9   C45 A C5    1 
HETATM 166 C  C6    . C45 A 1 9  ? -3.564  -8.272  -2.134  1.00 24.53 ? 9   C45 A C6    1 
HETATM 167 O  O2    . C45 A 1 9  ? -6.330  -6.320  -1.182  1.00 21.94 ? 9   C45 A O2    1 
HETATM 168 N  N4    . C45 A 1 9  ? -3.921  -6.218  -5.046  1.00 22.53 ? 9   C45 A N4    1 
HETATM 169 C  "C1'" . C45 A 1 9  ? -4.700  -8.128  0.055   1.00 27.50 ? 9   C45 A "C1'" 1 
HETATM 170 C  "C2'" . C45 A 1 9  ? -4.841  -9.615  0.325   1.00 28.93 ? 9   C45 A "C2'" 1 
HETATM 171 C  CM2   . C45 A 1 9  ? -2.618  -6.212  -6.920  1.00 23.53 ? 9   C45 A CM2   1 
HETATM 172 C  "C3'" . C45 A 1 9  ? -4.256  -9.751  1.722   1.00 29.85 ? 9   C45 A "C3'" 1 
HETATM 173 C  "C4'" . C45 A 1 9  ? -3.180  -8.671  1.766   1.00 30.97 ? 9   C45 A "C4'" 1 
HETATM 174 O  "O4'" . C45 A 1 9  ? -3.514  -7.729  0.721   1.00 29.52 ? 9   C45 A "O4'" 1 
HETATM 175 O  "O3'" . C45 A 1 9  ? -5.225  -9.472  2.732   1.00 31.66 ? 9   C45 A "O3'" 1 
HETATM 176 C  "C5'" . C45 A 1 9  ? -1.768  -9.178  1.598   1.00 30.25 ? 9   C45 A "C5'" 1 
HETATM 177 O  "O5'" . C45 A 1 9  ? -1.685  -10.058 0.477   1.00 31.93 ? 9   C45 A "O5'" 1 
HETATM 178 P  P     . C45 A 1 9  ? -0.310  -10.779 0.125   1.00 33.37 ? 9   C45 A P     1 
HETATM 179 O  O1P   . C45 A 1 9  ? -0.008  -11.747 1.212   1.00 34.39 ? 9   C45 A O1P   1 
HETATM 180 O  O2P   . C45 A 1 9  ? -0.367  -11.249 -1.281  1.00 32.77 ? 9   C45 A O2P   1 
HETATM 181 O  O     . C45 A 1 9  ? -2.802  -6.839  -5.659  1.00 23.45 ? 9   C45 A O     1 
ATOM   182 P  P     . DG  A 1 10 ? -6.165  -10.651 3.280   1.00 32.35 ? 10  DG  A P     1 
ATOM   183 O  OP1   . DG  A 1 10 ? -6.472  -10.337 4.696   1.00 31.71 ? 10  DG  A OP1   1 
ATOM   184 O  OP2   . DG  A 1 10 ? -5.574  -11.967 2.925   1.00 31.67 ? 10  DG  A OP2   1 
ATOM   185 O  "O5'" . DG  A 1 10 ? -7.500  -10.482 2.431   1.00 30.65 ? 10  DG  A "O5'" 1 
ATOM   186 C  "C5'" . DG  A 1 10 ? -8.279  -9.300  2.529   1.00 30.00 ? 10  DG  A "C5'" 1 
ATOM   187 C  "C4'" . DG  A 1 10 ? -9.216  -9.209  1.351   1.00 31.27 ? 10  DG  A "C4'" 1 
ATOM   188 O  "O4'" . DG  A 1 10 ? -8.471  -8.906  0.146   1.00 29.73 ? 10  DG  A "O4'" 1 
ATOM   189 C  "C3'" . DG  A 1 10 ? -9.972  -10.511 1.051   1.00 31.13 ? 10  DG  A "C3'" 1 
ATOM   190 O  "O3'" . DG  A 1 10 ? -11.302 -10.181 0.658   1.00 33.88 ? 10  DG  A "O3'" 1 
ATOM   191 C  "C2'" . DG  A 1 10 ? -9.248  -11.045 -0.172  1.00 30.49 ? 10  DG  A "C2'" 1 
ATOM   192 C  "C1'" . DG  A 1 10 ? -8.996  -9.730  -0.867  1.00 28.14 ? 10  DG  A "C1'" 1 
ATOM   193 N  N9    . DG  A 1 10 ? -8.086  -9.714  -2.006  1.00 27.61 ? 10  DG  A N9    1 
ATOM   194 C  C8    . DG  A 1 10 ? -7.083  -10.603 -2.306  1.00 27.03 ? 10  DG  A C8    1 
ATOM   195 N  N7    . DG  A 1 10 ? -6.467  -10.318 -3.422  1.00 26.21 ? 10  DG  A N7    1 
ATOM   196 C  C5    . DG  A 1 10 ? -7.098  -9.166  -3.878  1.00 25.00 ? 10  DG  A C5    1 
ATOM   197 C  C6    . DG  A 1 10 ? -6.870  -8.382  -5.045  1.00 23.30 ? 10  DG  A C6    1 
ATOM   198 O  O6    . DG  A 1 10 ? -6.032  -8.550  -5.939  1.00 21.38 ? 10  DG  A O6    1 
ATOM   199 N  N1    . DG  A 1 10 ? -7.750  -7.307  -5.117  1.00 20.31 ? 10  DG  A N1    1 
ATOM   200 C  C2    . DG  A 1 10 ? -8.722  -7.017  -4.190  1.00 23.49 ? 10  DG  A C2    1 
ATOM   201 N  N2    . DG  A 1 10 ? -9.490  -5.946  -4.442  1.00 20.77 ? 10  DG  A N2    1 
ATOM   202 N  N3    . DG  A 1 10 ? -8.932  -7.728  -3.098  1.00 21.51 ? 10  DG  A N3    1 
ATOM   203 C  C4    . DG  A 1 10 ? -8.095  -8.782  -3.010  1.00 23.82 ? 10  DG  A C4    1 
ATOM   204 P  P     . DC  A 1 11 ? -12.512 -10.358 1.696   1.00 35.03 ? 11  DC  A P     1 
ATOM   205 O  OP1   . DC  A 1 11 ? -11.990 -10.075 3.058   1.00 35.15 ? 11  DC  A OP1   1 
ATOM   206 O  OP2   . DC  A 1 11 ? -13.172 -11.660 1.415   1.00 34.26 ? 11  DC  A OP2   1 
ATOM   207 O  "O5'" . DC  A 1 11 ? -13.508 -9.184  1.281   1.00 33.86 ? 11  DC  A "O5'" 1 
ATOM   208 C  "C5'" . DC  A 1 11 ? -13.191 -7.824  1.575   1.00 31.48 ? 11  DC  A "C5'" 1 
ATOM   209 C  "C4'" . DC  A 1 11 ? -13.610 -6.927  0.432   1.00 30.35 ? 11  DC  A "C4'" 1 
ATOM   210 O  "O4'" . DC  A 1 11 ? -12.769 -7.142  -0.727  1.00 29.15 ? 11  DC  A "O4'" 1 
ATOM   211 C  "C3'" . DC  A 1 11 ? -15.044 -7.115  -0.058  1.00 30.15 ? 11  DC  A "C3'" 1 
ATOM   212 O  "O3'" . DC  A 1 11 ? -15.565 -5.833  -0.417  1.00 31.44 ? 11  DC  A "O3'" 1 
ATOM   213 C  "C2'" . DC  A 1 11 ? -14.877 -7.995  -1.287  1.00 28.40 ? 11  DC  A "C2'" 1 
ATOM   214 C  "C1'" . DC  A 1 11 ? -13.572 -7.467  -1.857  1.00 26.32 ? 11  DC  A "C1'" 1 
ATOM   215 N  N1    . DC  A 1 11 ? -12.798 -8.394  -2.698  1.00 26.13 ? 11  DC  A N1    1 
ATOM   216 C  C2    . DC  A 1 11 ? -12.397 -7.968  -3.973  1.00 23.91 ? 11  DC  A C2    1 
ATOM   217 O  O2    . DC  A 1 11 ? -12.772 -6.866  -4.378  1.00 24.59 ? 11  DC  A O2    1 
ATOM   218 N  N3    . DC  A 1 11 ? -11.611 -8.766  -4.724  1.00 22.58 ? 11  DC  A N3    1 
ATOM   219 C  C4    . DC  A 1 11 ? -11.227 -9.951  -4.257  1.00 25.04 ? 11  DC  A C4    1 
ATOM   220 N  N4    . DC  A 1 11 ? -10.405 -10.676 -5.013  1.00 24.71 ? 11  DC  A N4    1 
ATOM   221 C  C5    . DC  A 1 11 ? -11.660 -10.439 -2.980  1.00 26.45 ? 11  DC  A C5    1 
ATOM   222 C  C6    . DC  A 1 11 ? -12.439 -9.633  -2.243  1.00 25.93 ? 11  DC  A C6    1 
ATOM   223 P  P     . DG  A 1 12 ? -17.145 -5.577  -0.380  1.00 34.54 ? 12  DG  A P     1 
ATOM   224 O  OP1   . DG  A 1 12 ? -17.341 -4.146  -0.030  1.00 36.14 ? 12  DG  A OP1   1 
ATOM   225 O  OP2   . DG  A 1 12 ? -17.778 -6.632  0.451   1.00 36.11 ? 12  DG  A OP2   1 
ATOM   226 O  "O5'" . DG  A 1 12 ? -17.596 -5.801  -1.889  1.00 33.98 ? 12  DG  A "O5'" 1 
ATOM   227 C  "C5'" . DG  A 1 12 ? -17.337 -4.813  -2.887  1.00 32.00 ? 12  DG  A "C5'" 1 
ATOM   228 C  "C4'" . DG  A 1 12 ? -17.584 -5.398  -4.257  1.00 30.80 ? 12  DG  A "C4'" 1 
ATOM   229 O  "O4'" . DG  A 1 12 ? -16.562 -6.363  -4.549  1.00 28.39 ? 12  DG  A "O4'" 1 
ATOM   230 C  "C3'" . DG  A 1 12 ? -18.900 -6.164  -4.369  1.00 30.18 ? 12  DG  A "C3'" 1 
ATOM   231 O  "O3'" . DG  A 1 12 ? -19.911 -5.301  -4.891  1.00 32.41 ? 12  DG  A "O3'" 1 
ATOM   232 C  "C2'" . DG  A 1 12 ? -18.567 -7.377  -5.231  1.00 30.42 ? 12  DG  A "C2'" 1 
ATOM   233 C  "C1'" . DG  A 1 12 ? -17.074 -7.253  -5.518  1.00 27.72 ? 12  DG  A "C1'" 1 
ATOM   234 N  N9    . DG  A 1 12 ? -16.309 -8.489  -5.411  1.00 28.45 ? 12  DG  A N9    1 
ATOM   235 C  C8    . DG  A 1 12 ? -16.360 -9.420  -4.399  1.00 26.80 ? 12  DG  A C8    1 
ATOM   236 N  N7    . DG  A 1 12 ? -15.516 -10.400 -4.564  1.00 28.26 ? 12  DG  A N7    1 
ATOM   237 C  C5    . DG  A 1 12 ? -14.875 -10.103 -5.761  1.00 29.43 ? 12  DG  A C5    1 
ATOM   238 C  C6    . DG  A 1 12 ? -13.862 -10.802 -6.458  1.00 28.82 ? 12  DG  A C6    1 
ATOM   239 O  O6    . DG  A 1 12 ? -13.310 -11.862 -6.149  1.00 31.69 ? 12  DG  A O6    1 
ATOM   240 N  N1    . DG  A 1 12 ? -13.501 -10.146 -7.633  1.00 27.98 ? 12  DG  A N1    1 
ATOM   241 C  C2    . DG  A 1 12 ? -14.059 -8.976  -8.087  1.00 27.88 ? 12  DG  A C2    1 
ATOM   242 N  N2    . DG  A 1 12 ? -13.595 -8.508  -9.249  1.00 28.21 ? 12  DG  A N2    1 
ATOM   243 N  N3    . DG  A 1 12 ? -15.008 -8.317  -7.446  1.00 27.36 ? 12  DG  A N3    1 
ATOM   244 C  C4    . DG  A 1 12 ? -15.363 -8.931  -6.299  1.00 28.33 ? 12  DG  A C4    1 
ATOM   245 O  "O5'" . DC  B 1 1  ? -8.471  -13.849 -13.888 1.00 39.95 ? 13  DC  B "O5'" 1 
ATOM   246 C  "C5'" . DC  B 1 1  ? -9.306  -13.297 -14.910 1.00 40.00 ? 13  DC  B "C5'" 1 
ATOM   247 C  "C4'" . DC  B 1 1  ? -9.661  -11.859 -14.608 1.00 39.44 ? 13  DC  B "C4'" 1 
ATOM   248 O  "O4'" . DC  B 1 1  ? -10.495 -11.811 -13.424 1.00 38.56 ? 13  DC  B "O4'" 1 
ATOM   249 C  "C3'" . DC  B 1 1  ? -8.455  -10.972 -14.300 1.00 39.62 ? 13  DC  B "C3'" 1 
ATOM   250 O  "O3'" . DC  B 1 1  ? -8.710  -9.638  -14.734 1.00 41.63 ? 13  DC  B "O3'" 1 
ATOM   251 C  "C2'" . DC  B 1 1  ? -8.397  -10.995 -12.787 1.00 39.05 ? 13  DC  B "C2'" 1 
ATOM   252 C  "C1'" . DC  B 1 1  ? -9.874  -10.991 -12.443 1.00 38.08 ? 13  DC  B "C1'" 1 
ATOM   253 N  N1    . DC  B 1 1  ? -10.191 -11.546 -11.122 1.00 35.99 ? 13  DC  B N1    1 
ATOM   254 C  C2    . DC  B 1 1  ? -11.142 -10.893 -10.332 1.00 35.57 ? 13  DC  B C2    1 
ATOM   255 O  O2    . DC  B 1 1  ? -11.699 -9.880  -10.780 1.00 33.73 ? 13  DC  B O2    1 
ATOM   256 N  N3    . DC  B 1 1  ? -11.432 -11.384 -9.107  1.00 36.77 ? 13  DC  B N3    1 
ATOM   257 C  C4    . DC  B 1 1  ? -10.814 -12.481 -8.663  1.00 37.64 ? 13  DC  B C4    1 
ATOM   258 N  N4    . DC  B 1 1  ? -11.127 -12.924 -7.442  1.00 39.02 ? 13  DC  B N4    1 
ATOM   259 C  C5    . DC  B 1 1  ? -9.846  -13.171 -9.450  1.00 37.27 ? 13  DC  B C5    1 
ATOM   260 C  C6    . DC  B 1 1  ? -9.567  -12.674 -10.662 1.00 36.25 ? 13  DC  B C6    1 
ATOM   261 P  P     . DG  B 1 2  ? -7.483  -8.675  -15.112 1.00 41.77 ? 14  DG  B P     1 
ATOM   262 O  OP1   . DG  B 1 2  ? -7.244  -8.825  -16.569 1.00 41.92 ? 14  DG  B OP1   1 
ATOM   263 O  OP2   . DG  B 1 2  ? -6.366  -8.898  -14.156 1.00 41.49 ? 14  DG  B OP2   1 
ATOM   264 O  "O5'" . DG  B 1 2  ? -8.076  -7.219  -14.860 1.00 39.48 ? 14  DG  B "O5'" 1 
ATOM   265 C  "C5'" . DG  B 1 2  ? -9.395  -6.890  -15.291 1.00 35.82 ? 14  DG  B "C5'" 1 
ATOM   266 C  "C4'" . DG  B 1 2  ? -10.040 -5.949  -14.303 1.00 32.75 ? 14  DG  B "C4'" 1 
ATOM   267 O  "O4'" . DG  B 1 2  ? -10.376 -6.658  -13.089 1.00 30.39 ? 14  DG  B "O4'" 1 
ATOM   268 C  "C3'" . DG  B 1 2  ? -9.122  -4.798  -13.899 1.00 31.13 ? 14  DG  B "C3'" 1 
ATOM   269 O  "O3'" . DG  B 1 2  ? -9.784  -3.547  -14.040 1.00 29.38 ? 14  DG  B "O3'" 1 
ATOM   270 C  "C2'" . DG  B 1 2  ? -8.772  -5.075  -12.450 1.00 30.24 ? 14  DG  B "C2'" 1 
ATOM   271 C  "C1'" . DG  B 1 2  ? -9.912  -5.944  -11.958 1.00 29.26 ? 14  DG  B "C1'" 1 
ATOM   272 N  N9    . DG  B 1 2  ? -9.486  -6.927  -10.967 1.00 27.25 ? 14  DG  B N9    1 
ATOM   273 C  C8    . DG  B 1 2  ? -8.488  -7.857  -11.115 1.00 26.32 ? 14  DG  B C8    1 
ATOM   274 N  N7    . DG  B 1 2  ? -8.334  -8.611  -10.063 1.00 26.39 ? 14  DG  B N7    1 
ATOM   275 C  C5    . DG  B 1 2  ? -9.287  -8.153  -9.168  1.00 25.34 ? 14  DG  B C5    1 
ATOM   276 C  C6    . DG  B 1 2  ? -9.595  -8.594  -7.861  1.00 26.47 ? 14  DG  B C6    1 
ATOM   277 O  O6    . DG  B 1 2  ? -9.074  -9.520  -7.224  1.00 27.49 ? 14  DG  B O6    1 
ATOM   278 N  N1    . DG  B 1 2  ? -10.627 -7.848  -7.297  1.00 22.71 ? 14  DG  B N1    1 
ATOM   279 C  C2    . DG  B 1 2  ? -11.284 -6.813  -7.923  1.00 23.77 ? 14  DG  B C2    1 
ATOM   280 N  N2    . DG  B 1 2  ? -12.256 -6.205  -7.223  1.00 21.94 ? 14  DG  B N2    1 
ATOM   281 N  N3    . DG  B 1 2  ? -11.009 -6.401  -9.152  1.00 24.92 ? 14  DG  B N3    1 
ATOM   282 C  C4    . DG  B 1 2  ? -10.005 -7.110  -9.708  1.00 25.87 ? 14  DG  B C4    1 
ATOM   283 P  P     . DC  B 1 3  ? -8.951  -2.194  -13.842 1.00 28.64 ? 15  DC  B P     1 
ATOM   284 O  OP1   . DC  B 1 3  ? -9.478  -1.180  -14.786 1.00 28.78 ? 15  DC  B OP1   1 
ATOM   285 O  OP2   . DC  B 1 3  ? -7.510  -2.537  -13.852 1.00 29.50 ? 15  DC  B OP2   1 
ATOM   286 O  "O5'" . DC  B 1 3  ? -9.331  -1.738  -12.365 1.00 26.95 ? 15  DC  B "O5'" 1 
ATOM   287 C  "C5'" . DC  B 1 3  ? -10.693 -1.607  -11.971 1.00 24.24 ? 15  DC  B "C5'" 1 
ATOM   288 C  "C4'" . DC  B 1 3  ? -10.798 -1.652  -10.464 1.00 23.41 ? 15  DC  B "C4'" 1 
ATOM   289 O  "O4'" . DC  B 1 3  ? -10.388 -2.951  -10.014 1.00 22.75 ? 15  DC  B "O4'" 1 
ATOM   290 C  "C3'" . DC  B 1 3  ? -9.876  -0.682  -9.733  1.00 23.80 ? 15  DC  B "C3'" 1 
ATOM   291 O  "O3'" . DC  B 1 3  ? -10.569 0.553   -9.535  1.00 24.34 ? 15  DC  B "O3'" 1 
ATOM   292 C  "C2'" . DC  B 1 3  ? -9.614  -1.381  -8.406  1.00 23.85 ? 15  DC  B "C2'" 1 
ATOM   293 C  "C1'" . DC  B 1 3  ? -9.920  -2.857  -8.679  1.00 22.53 ? 15  DC  B "C1'" 1 
ATOM   294 N  N1    . DC  B 1 3  ? -8.785  -3.783  -8.542  1.00 22.16 ? 15  DC  B N1    1 
ATOM   295 C  C2    . DC  B 1 3  ? -8.728  -4.605  -7.416  1.00 20.45 ? 15  DC  B C2    1 
ATOM   296 O  O2    . DC  B 1 3  ? -9.581  -4.461  -6.538  1.00 20.34 ? 15  DC  B O2    1 
ATOM   297 N  N3    . DC  B 1 3  ? -7.744  -5.529  -7.316  1.00 20.12 ? 15  DC  B N3    1 
ATOM   298 C  C4    . DC  B 1 3  ? -6.827  -5.631  -8.282  1.00 23.06 ? 15  DC  B C4    1 
ATOM   299 N  N4    . DC  B 1 3  ? -5.894  -6.584  -8.165  1.00 21.77 ? 15  DC  B N4    1 
ATOM   300 C  C5    . DC  B 1 3  ? -6.830  -4.765  -9.417  1.00 22.43 ? 15  DC  B C5    1 
ATOM   301 C  C6    . DC  B 1 3  ? -7.820  -3.864  -9.506  1.00 21.63 ? 15  DC  B C6    1 
ATOM   302 P  P     . DA  B 1 4  ? -9.813  1.800   -8.872  1.00 25.43 ? 16  DA  B P     1 
ATOM   303 O  OP1   . DA  B 1 4  ? -10.502 3.017   -9.376  1.00 25.99 ? 16  DA  B OP1   1 
ATOM   304 O  OP2   . DA  B 1 4  ? -8.355  1.649   -9.060  1.00 25.36 ? 16  DA  B OP2   1 
ATOM   305 O  "O5'" . DA  B 1 4  ? -10.139 1.674   -7.319  1.00 23.48 ? 16  DA  B "O5'" 1 
ATOM   306 C  "C5'" . DA  B 1 4  ? -11.483 1.545   -6.866  1.00 23.47 ? 16  DA  B "C5'" 1 
ATOM   307 C  "C4'" . DA  B 1 4  ? -11.504 1.258   -5.384  1.00 25.64 ? 16  DA  B "C4'" 1 
ATOM   308 O  "O4'" . DA  B 1 4  ? -10.793 0.019   -5.141  1.00 24.54 ? 16  DA  B "O4'" 1 
ATOM   309 C  "C3'" . DA  B 1 4  ? -10.827 2.314   -4.508  1.00 27.69 ? 16  DA  B "C3'" 1 
ATOM   310 O  "O3'" . DA  B 1 4  ? -11.575 2.453   -3.284  1.00 29.69 ? 16  DA  B "O3'" 1 
ATOM   311 C  "C2'" . DA  B 1 4  ? -9.428  1.759   -4.304  1.00 25.60 ? 16  DA  B "C2'" 1 
ATOM   312 C  "C1'" . DA  B 1 4  ? -9.646  0.252   -4.330  1.00 24.59 ? 16  DA  B "C1'" 1 
ATOM   313 N  N9    . DA  B 1 4  ? -8.528  -0.501  -4.899  1.00 22.81 ? 16  DA  B N9    1 
ATOM   314 C  C8    . DA  B 1 4  ? -7.700  -0.136  -5.934  1.00 22.04 ? 16  DA  B C8    1 
ATOM   315 N  N7    . DA  B 1 4  ? -6.778  -1.026  -6.215  1.00 20.12 ? 16  DA  B N7    1 
ATOM   316 C  C5    . DA  B 1 4  ? -7.016  -2.049  -5.304  1.00 21.17 ? 16  DA  B C5    1 
ATOM   317 C  C6    . DA  B 1 4  ? -6.378  -3.282  -5.076  1.00 20.50 ? 16  DA  B C6    1 
ATOM   318 N  N6    . DA  B 1 4  ? -5.321  -3.713  -5.773  1.00 18.53 ? 16  DA  B N6    1 
ATOM   319 N  N1    . DA  B 1 4  ? -6.863  -4.069  -4.086  1.00 21.27 ? 16  DA  B N1    1 
ATOM   320 C  C2    . DA  B 1 4  ? -7.911  -3.633  -3.379  1.00 22.70 ? 16  DA  B C2    1 
ATOM   321 N  N3    . DA  B 1 4  ? -8.592  -2.494  -3.495  1.00 22.04 ? 16  DA  B N3    1 
ATOM   322 C  C4    . DA  B 1 4  ? -8.089  -1.739  -4.488  1.00 21.48 ? 16  DA  B C4    1 
ATOM   323 P  P     . DA  B 1 5  ? -10.863 2.994   -1.941  1.00 32.39 ? 17  DA  B P     1 
ATOM   324 O  OP1   . DA  B 1 5  ? -11.945 3.522   -1.070  1.00 33.97 ? 17  DA  B OP1   1 
ATOM   325 O  OP2   . DA  B 1 5  ? -9.698  3.855   -2.267  1.00 33.60 ? 17  DA  B OP2   1 
ATOM   326 O  "O5'" . DA  B 1 5  ? -10.352 1.662   -1.238  1.00 30.66 ? 17  DA  B "O5'" 1 
ATOM   327 C  "C5'" . DA  B 1 5  ? -11.257 0.586   -1.015  1.00 28.21 ? 17  DA  B "C5'" 1 
ATOM   328 C  "C4'" . DA  B 1 5  ? -10.682 -0.388  -0.017  1.00 27.32 ? 17  DA  B "C4'" 1 
ATOM   329 O  "O4'" . DA  B 1 5  ? -9.573  -1.112  -0.600  1.00 26.47 ? 17  DA  B "O4'" 1 
ATOM   330 C  "C3'" . DA  B 1 5  ? -10.154 0.233   1.272   1.00 27.69 ? 17  DA  B "C3'" 1 
ATOM   331 O  "O3'" . DA  B 1 5  ? -10.463 -0.646  2.356   1.00 28.60 ? 17  DA  B "O3'" 1 
ATOM   332 C  "C2'" . DA  B 1 5  ? -8.657  0.341   1.021   1.00 27.23 ? 17  DA  B "C2'" 1 
ATOM   333 C  "C1'" . DA  B 1 5  ? -8.366  -0.834  0.094   1.00 25.04 ? 17  DA  B "C1'" 1 
ATOM   334 N  N9    . DA  B 1 5  ? -7.339  -0.583  -0.920  1.00 21.66 ? 17  DA  B N9    1 
ATOM   335 C  C8    . DA  B 1 5  ? -7.221  0.508   -1.749  1.00 19.88 ? 17  DA  B C8    1 
ATOM   336 N  N7    . DA  B 1 5  ? -6.227  0.422   -2.600  1.00 19.52 ? 17  DA  B N7    1 
ATOM   337 C  C5    . DA  B 1 5  ? -5.643  -0.803  -2.305  1.00 20.40 ? 17  DA  B C5    1 
ATOM   338 C  C6    . DA  B 1 5  ? -4.552  -1.490  -2.865  1.00 20.35 ? 17  DA  B C6    1 
ATOM   339 N  N6    . DA  B 1 5  ? -3.831  -1.030  -3.890  1.00 19.40 ? 17  DA  B N6    1 
ATOM   340 N  N1    . DA  B 1 5  ? -4.227  -2.685  -2.335  1.00 18.85 ? 17  DA  B N1    1 
ATOM   341 C  C2    . DA  B 1 5  ? -4.960  -3.157  -1.313  1.00 21.51 ? 17  DA  B C2    1 
ATOM   342 N  N3    . DA  B 1 5  ? -6.011  -2.611  -0.708  1.00 20.53 ? 17  DA  B N3    1 
ATOM   343 C  C4    . DA  B 1 5  ? -6.308  -1.422  -1.258  1.00 19.27 ? 17  DA  B C4    1 
ATOM   344 P  P     . DA  B 1 6  ? -10.005 -0.275  3.852   1.00 29.30 ? 18  DA  B P     1 
ATOM   345 O  OP1   . DA  B 1 6  ? -10.987 -0.914  4.765   1.00 31.90 ? 18  DA  B OP1   1 
ATOM   346 O  OP2   . DA  B 1 6  ? -9.740  1.179   3.950   1.00 29.42 ? 18  DA  B OP2   1 
ATOM   347 O  "O5'" . DA  B 1 6  ? -8.623  -1.040  4.011   1.00 28.75 ? 18  DA  B "O5'" 1 
ATOM   348 C  "C5'" . DA  B 1 6  ? -8.545  -2.448  3.825   1.00 28.33 ? 18  DA  B "C5'" 1 
ATOM   349 C  "C4'" . DA  B 1 6  ? -7.102  -2.887  3.875   1.00 28.23 ? 18  DA  B "C4'" 1 
ATOM   350 O  "O4'" . DA  B 1 6  ? -6.416  -2.419  2.697   1.00 25.64 ? 18  DA  B "O4'" 1 
ATOM   351 C  "C3'" . DA  B 1 6  ? -6.332  -2.327  5.076   1.00 28.67 ? 18  DA  B "C3'" 1 
ATOM   352 O  "O3'" . DA  B 1 6  ? -5.979  -3.405  5.951   1.00 31.92 ? 18  DA  B "O3'" 1 
ATOM   353 C  "C2'" . DA  B 1 6  ? -5.116  -1.631  4.475   1.00 27.70 ? 18  DA  B "C2'" 1 
ATOM   354 C  "C1'" . DA  B 1 6  ? -5.078  -2.118  3.034   1.00 23.41 ? 18  DA  B "C1'" 1 
ATOM   355 N  N9    . DA  B 1 6  ? -4.590  -1.146  2.059   1.00 23.37 ? 18  DA  B N9    1 
ATOM   356 C  C8    . DA  B 1 6  ? -5.090  0.101   1.772   1.00 20.44 ? 18  DA  B C8    1 
ATOM   357 N  N7    . DA  B 1 6  ? -4.460  0.712   0.799   1.00 21.63 ? 18  DA  B N7    1 
ATOM   358 C  C5    . DA  B 1 6  ? -3.472  -0.191  0.426   1.00 21.02 ? 18  DA  B C5    1 
ATOM   359 C  C6    . DA  B 1 6  ? -2.476  -0.146  -0.565  1.00 19.26 ? 18  DA  B C6    1 
ATOM   360 N  N6    . DA  B 1 6  ? -2.327  0.870   -1.415  1.00 20.45 ? 18  DA  B N6    1 
ATOM   361 N  N1    . DA  B 1 6  ? -1.636  -1.202  -0.662  1.00 20.33 ? 18  DA  B N1    1 
ATOM   362 C  C2    . DA  B 1 6  ? -1.812  -2.239  0.169   1.00 19.60 ? 18  DA  B C2    1 
ATOM   363 N  N3    . DA  B 1 6  ? -2.726  -2.405  1.131   1.00 20.93 ? 18  DA  B N3    1 
ATOM   364 C  C4    . DA  B 1 6  ? -3.529  -1.330  1.207   1.00 19.89 ? 18  DA  B C4    1 
ATOM   365 P  P     . DT  B 1 7  ? -5.065  -3.126  7.248   1.00 32.68 ? 19  DT  B P     1 
ATOM   366 O  OP1   . DT  B 1 7  ? -5.315  -4.251  8.176   1.00 33.61 ? 19  DT  B OP1   1 
ATOM   367 O  OP2   . DT  B 1 7  ? -5.251  -1.729  7.712   1.00 33.93 ? 19  DT  B OP2   1 
ATOM   368 O  "O5'" . DT  B 1 7  ? -3.583  -3.284  6.693   1.00 31.38 ? 19  DT  B "O5'" 1 
ATOM   369 C  "C5'" . DT  B 1 7  ? -3.214  -4.445  5.957   1.00 30.32 ? 19  DT  B "C5'" 1 
ATOM   370 C  "C4'" . DT  B 1 7  ? -1.851  -4.260  5.332   1.00 30.11 ? 19  DT  B "C4'" 1 
ATOM   371 O  "O4'" . DT  B 1 7  ? -1.895  -3.203  4.354   1.00 28.14 ? 19  DT  B "O4'" 1 
ATOM   372 C  "C3'" . DT  B 1 7  ? -0.731  -3.892  6.312   1.00 30.94 ? 19  DT  B "C3'" 1 
ATOM   373 O  "O3'" . DT  B 1 7  ? 0.187   -4.984  6.375   1.00 32.25 ? 19  DT  B "O3'" 1 
ATOM   374 C  "C2'" . DT  B 1 7  ? -0.079  -2.654  5.708   1.00 28.88 ? 19  DT  B "C2'" 1 
ATOM   375 C  "C1'" . DT  B 1 7  ? -0.604  -2.638  4.280   1.00 27.73 ? 19  DT  B "C1'" 1 
ATOM   376 N  N1    . DT  B 1 7  ? -0.733  -1.310  3.659   1.00 25.09 ? 19  DT  B N1    1 
ATOM   377 C  C2    . DT  B 1 7  ? 0.127   -0.996  2.627   1.00 22.14 ? 19  DT  B C2    1 
ATOM   378 O  O2    . DT  B 1 7  ? 1.018   -1.743  2.254   1.00 24.11 ? 19  DT  B O2    1 
ATOM   379 N  N3    . DT  B 1 7  ? -0.094  0.226   2.051   1.00 22.44 ? 19  DT  B N3    1 
ATOM   380 C  C4    . DT  B 1 7  ? -1.055  1.151   2.403   1.00 20.75 ? 19  DT  B C4    1 
ATOM   381 O  O4    . DT  B 1 7  ? -1.149  2.202   1.776   1.00 21.43 ? 19  DT  B O4    1 
ATOM   382 C  C5    . DT  B 1 7  ? -1.896  0.773   3.522   1.00 19.77 ? 19  DT  B C5    1 
ATOM   383 C  C7    . DT  B 1 7  ? -2.937  1.732   4.001   1.00 20.48 ? 19  DT  B C7    1 
ATOM   384 C  C6    . DT  B 1 7  ? -1.696  -0.423  4.082   1.00 21.19 ? 19  DT  B C6    1 
ATOM   385 P  P     . DT  B 1 8  ? 1.448   -4.917  7.364   1.00 35.34 ? 20  DT  B P     1 
ATOM   386 O  OP1   . DT  B 1 8  ? 1.735   -6.322  7.749   1.00 36.18 ? 20  DT  B OP1   1 
ATOM   387 O  OP2   . DT  B 1 8  ? 1.201   -3.900  8.416   1.00 34.88 ? 20  DT  B OP2   1 
ATOM   388 O  "O5'" . DT  B 1 8  ? 2.628   -4.408  6.427   1.00 34.06 ? 20  DT  B "O5'" 1 
ATOM   389 C  "C5'" . DT  B 1 8  ? 2.940   -5.102  5.224   1.00 32.41 ? 20  DT  B "C5'" 1 
ATOM   390 C  "C4'" . DT  B 1 8  ? 3.979   -4.341  4.437   1.00 30.87 ? 20  DT  B "C4'" 1 
ATOM   391 O  "O4'" . DT  B 1 8  ? 3.428   -3.093  3.962   1.00 29.85 ? 20  DT  B "O4'" 1 
ATOM   392 C  "C3'" . DT  B 1 8  ? 5.241   -3.981  5.226   1.00 31.40 ? 20  DT  B "C3'" 1 
ATOM   393 O  "O3'" . DT  B 1 8  ? 6.384   -4.417  4.482   1.00 35.03 ? 20  DT  B "O3'" 1 
ATOM   394 C  "C2'" . DT  B 1 8  ? 5.185   -2.462  5.340   1.00 29.62 ? 20  DT  B "C2'" 1 
ATOM   395 C  "C1'" . DT  B 1 8  ? 4.401   -2.077  4.099   1.00 27.25 ? 20  DT  B "C1'" 1 
ATOM   396 N  N1    . DT  B 1 8  ? 3.690   -0.784  4.162   1.00 25.35 ? 20  DT  B N1    1 
ATOM   397 C  C2    . DT  B 1 8  ? 3.991   0.172   3.214   1.00 23.21 ? 20  DT  B C2    1 
ATOM   398 O  O2    . DT  B 1 8  ? 4.865   0.032   2.375   1.00 23.91 ? 20  DT  B O2    1 
ATOM   399 N  N3    . DT  B 1 8  ? 3.229   1.309   3.288   1.00 22.74 ? 20  DT  B N3    1 
ATOM   400 C  C4    . DT  B 1 8  ? 2.231   1.589   4.200   1.00 20.47 ? 20  DT  B C4    1 
ATOM   401 O  O4    . DT  B 1 8  ? 1.612   2.641   4.113   1.00 23.77 ? 20  DT  B O4    1 
ATOM   402 C  C5    . DT  B 1 8  ? 1.998   0.567   5.196   1.00 22.72 ? 20  DT  B C5    1 
ATOM   403 C  C7    . DT  B 1 8  ? 0.960   0.803   6.250   1.00 23.86 ? 20  DT  B C7    1 
ATOM   404 C  C6    . DT  B 1 8  ? 2.730   -0.556  5.130   1.00 24.61 ? 20  DT  B C6    1 
HETATM 405 N  N1    . C45 B 1 9  ? 7.695   1.423   3.641   1.00 29.07 ? 21  C45 B N1    1 
HETATM 406 C  C2    . C45 B 1 9  ? 7.262   2.651   3.159   1.00 26.05 ? 21  C45 B C2    1 
HETATM 407 N  N3    . C45 B 1 9  ? 6.293   3.322   3.821   1.00 27.16 ? 21  C45 B N3    1 
HETATM 408 C  C4    . C45 B 1 9  ? 5.747   2.813   4.929   1.00 24.34 ? 21  C45 B C4    1 
HETATM 409 C  C5    . C45 B 1 9  ? 6.202   1.556   5.455   1.00 27.79 ? 21  C45 B C5    1 
HETATM 410 C  C6    . C45 B 1 9  ? 7.169   0.911   4.791   1.00 26.43 ? 21  C45 B C6    1 
HETATM 411 O  O2    . C45 B 1 9  ? 7.777   3.103   2.125   1.00 28.02 ? 21  C45 B O2    1 
HETATM 412 N  N4    . C45 B 1 9  ? 4.783   3.463   5.541   1.00 26.47 ? 21  C45 B N4    1 
HETATM 413 C  "C1'" . C45 B 1 9  ? 8.703   0.688   2.866   1.00 31.50 ? 21  C45 B "C1'" 1 
HETATM 414 C  "C2'" . C45 B 1 9  ? 9.901   0.166   3.658   1.00 31.49 ? 21  C45 B "C2'" 1 
HETATM 415 C  CM2   . C45 B 1 9  ? 3.305   3.510   7.280   1.00 31.51 ? 21  C45 B CM2   1 
HETATM 416 C  "C3'" . C45 B 1 9  ? 10.125  -1.214  3.072   1.00 33.44 ? 21  C45 B "C3'" 1 
HETATM 417 C  "C4'" . C45 B 1 9  ? 8.712   -1.649  2.710   1.00 34.43 ? 21  C45 B "C4'" 1 
HETATM 418 O  "O4'" . C45 B 1 9  ? 8.055   -0.439  2.284   1.00 33.38 ? 21  C45 B "O4'" 1 
HETATM 419 O  "O3'" . C45 B 1 9  ? 10.930  -1.159  1.891   1.00 36.01 ? 21  C45 B "O3'" 1 
HETATM 420 C  "C5'" . C45 B 1 9  ? 7.945   -2.188  3.891   1.00 35.61 ? 21  C45 B "C5'" 1 
HETATM 421 O  "O5'" . C45 B 1 9  ? 8.627   -3.301  4.432   1.00 37.02 ? 21  C45 B "O5'" 1 
HETATM 422 P  P     . C45 B 1 9  ? 7.830   -4.450  5.182   1.00 37.32 ? 21  C45 B P     1 
HETATM 423 O  O1P   . C45 B 1 9  ? 8.462   -5.744  4.818   1.00 38.43 ? 21  C45 B O1P   1 
HETATM 424 O  O2P   . C45 B 1 9  ? 7.691   -4.069  6.609   1.00 38.32 ? 21  C45 B O2P   1 
HETATM 425 O  O     . C45 B 1 9  ? 4.339   2.746   6.685   1.00 30.01 ? 21  C45 B O     1 
ATOM   426 P  P     . DG  B 1 10 ? 12.530  -1.037  2.018   1.00 37.23 ? 22  DG  B P     1 
ATOM   427 O  OP1   . DG  B 1 10 ? 13.093  -1.326  0.675   1.00 36.26 ? 22  DG  B OP1   1 
ATOM   428 O  OP2   . DG  B 1 10 ? 12.986  -1.814  3.198   1.00 36.45 ? 22  DG  B OP2   1 
ATOM   429 O  "O5'" . DG  B 1 10 ? 12.776  0.503   2.346   1.00 35.03 ? 22  DG  B "O5'" 1 
ATOM   430 C  "C5'" . DG  B 1 10 ? 12.577  1.504   1.356   1.00 33.50 ? 22  DG  B "C5'" 1 
ATOM   431 C  "C4'" . DG  B 1 10 ? 12.598  2.873   1.994   1.00 31.97 ? 22  DG  B "C4'" 1 
ATOM   432 O  "O4'" . DG  B 1 10 ? 11.386  3.124   2.748   1.00 29.81 ? 22  DG  B "O4'" 1 
ATOM   433 C  "C3'" . DG  B 1 10 ? 13.754  3.100   2.977   1.00 31.01 ? 22  DG  B "C3'" 1 
ATOM   434 O  "O3'" . DG  B 1 10 ? 14.329  4.376   2.715   1.00 32.69 ? 22  DG  B "O3'" 1 
ATOM   435 C  "C2'" . DG  B 1 10 ? 13.062  3.153   4.327   1.00 29.91 ? 22  DG  B "C2'" 1 
ATOM   436 C  "C1'" . DG  B 1 10 ? 11.781  3.825   3.905   1.00 27.81 ? 22  DG  B "C1'" 1 
ATOM   437 N  N9    . DG  B 1 10 ? 10.674  3.831   4.854   1.00 25.89 ? 22  DG  B N9    1 
ATOM   438 C  C8    . DG  B 1 10 ? 10.392  2.924   5.847   1.00 25.11 ? 22  DG  B C8    1 
ATOM   439 N  N7    . DG  B 1 10 ? 9.325   3.236   6.533   1.00 25.87 ? 22  DG  B N7    1 
ATOM   440 C  C5    . DG  B 1 10 ? 8.879   4.418   5.953   1.00 24.34 ? 22  DG  B C5    1 
ATOM   441 C  C6    . DG  B 1 10 ? 7.760   5.235   6.264   1.00 21.63 ? 22  DG  B C6    1 
ATOM   442 O  O6    . DG  B 1 10 ? 6.907   5.069   7.146   1.00 23.77 ? 22  DG  B O6    1 
ATOM   443 N  N1    . DG  B 1 10 ? 7.684   6.339   5.419   1.00 22.22 ? 22  DG  B N1    1 
ATOM   444 C  C2    . DG  B 1 10 ? 8.565   6.618   4.397   1.00 21.91 ? 22  DG  B C2    1 
ATOM   445 N  N2    . DG  B 1 10 ? 8.325   7.721   3.671   1.00 22.36 ? 22  DG  B N2    1 
ATOM   446 N  N3    . DG  B 1 10 ? 9.608   5.866   4.102   1.00 23.28 ? 22  DG  B N3    1 
ATOM   447 C  C4    . DG  B 1 10 ? 9.702   4.791   4.914   1.00 25.09 ? 22  DG  B C4    1 
ATOM   448 P  P     . DC  B 1 11 ? 15.916  4.581   2.831   1.00 32.87 ? 23  DC  B P     1 
ATOM   449 O  OP1   . DC  B 1 11 ? 16.532  3.821   1.718   1.00 35.33 ? 23  DC  B OP1   1 
ATOM   450 O  OP2   . DC  B 1 11 ? 16.352  4.326   4.231   1.00 32.92 ? 23  DC  B OP2   1 
ATOM   451 O  "O5'" . DC  B 1 11 ? 16.088  6.131   2.521   1.00 33.55 ? 23  DC  B "O5'" 1 
ATOM   452 C  "C5'" . DC  B 1 11 ? 15.659  6.671   1.275   1.00 32.35 ? 23  DC  B "C5'" 1 
ATOM   453 C  "C4'" . DC  B 1 11 ? 14.797  7.888   1.510   1.00 31.65 ? 23  DC  B "C4'" 1 
ATOM   454 O  "O4'" . DC  B 1 11 ? 13.593  7.493   2.197   1.00 30.51 ? 23  DC  B "O4'" 1 
ATOM   455 C  "C3'" . DC  B 1 11 ? 15.438  8.925   2.424   1.00 31.88 ? 23  DC  B "C3'" 1 
ATOM   456 O  "O3'" . DC  B 1 11 ? 16.170  9.878   1.658   1.00 32.71 ? 23  DC  B "O3'" 1 
ATOM   457 C  "C2'" . DC  B 1 11 ? 14.247  9.605   3.070   1.00 31.29 ? 23  DC  B "C2'" 1 
ATOM   458 C  "C1'" . DC  B 1 11 ? 13.140  8.564   3.009   1.00 29.36 ? 23  DC  B "C1'" 1 
ATOM   459 N  N1    . DC  B 1 11 ? 12.740  8.018   4.315   1.00 25.25 ? 23  DC  B N1    1 
ATOM   460 C  C2    . DC  B 1 11 ? 11.658  8.601   4.960   1.00 22.85 ? 23  DC  B C2    1 
ATOM   461 O  O2    . DC  B 1 11 ? 11.134  9.603   4.448   1.00 23.62 ? 23  DC  B O2    1 
ATOM   462 N  N3    . DC  B 1 11 ? 11.212  8.076   6.123   1.00 21.53 ? 23  DC  B N3    1 
ATOM   463 C  C4    . DC  B 1 11 ? 11.828  7.017   6.655   1.00 23.92 ? 23  DC  B C4    1 
ATOM   464 N  N4    . DC  B 1 11 ? 11.331  6.513   7.792   1.00 22.01 ? 23  DC  B N4    1 
ATOM   465 C  C5    . DC  B 1 11 ? 12.975  6.425   6.041   1.00 24.75 ? 23  DC  B C5    1 
ATOM   466 C  C6    . DC  B 1 11 ? 13.394  6.954   4.878   1.00 23.74 ? 23  DC  B C6    1 
ATOM   467 P  P     . DG  B 1 12 ? 17.104  10.937  2.415   1.00 33.30 ? 24  DG  B P     1 
ATOM   468 O  OP1   . DG  B 1 12 ? 17.988  11.554  1.393   1.00 33.72 ? 24  DG  B OP1   1 
ATOM   469 O  OP2   . DG  B 1 12 ? 17.706  10.254  3.590   1.00 30.59 ? 24  DG  B OP2   1 
ATOM   470 O  "O5'" . DG  B 1 12 ? 16.084  12.039  2.960   1.00 30.60 ? 24  DG  B "O5'" 1 
ATOM   471 C  "C5'" . DG  B 1 12 ? 15.404  12.925  2.074   1.00 28.19 ? 24  DG  B "C5'" 1 
ATOM   472 C  "C4'" . DG  B 1 12 ? 14.370  13.732  2.827   1.00 25.72 ? 24  DG  B "C4'" 1 
ATOM   473 O  "O4'" . DG  B 1 12 ? 13.385  12.851  3.412   1.00 23.38 ? 24  DG  B "O4'" 1 
ATOM   474 C  "C3'" . DG  B 1 12 ? 14.920  14.536  3.999   1.00 25.29 ? 24  DG  B "C3'" 1 
ATOM   475 O  "O3'" . DG  B 1 12 ? 15.450  15.788  3.538   1.00 23.83 ? 24  DG  B "O3'" 1 
ATOM   476 C  "C2'" . DG  B 1 12 ? 13.713  14.666  4.909   1.00 23.56 ? 24  DG  B "C2'" 1 
ATOM   477 C  "C1'" . DG  B 1 12 ? 12.981  13.344  4.690   1.00 23.77 ? 24  DG  B "C1'" 1 
ATOM   478 N  N9    . DG  B 1 12 ? 13.268  12.303  5.675   1.00 21.85 ? 24  DG  B N9    1 
ATOM   479 C  C8    . DG  B 1 12 ? 14.353  11.457  5.687   1.00 22.46 ? 24  DG  B C8    1 
ATOM   480 N  N7    . DG  B 1 12 ? 14.310  10.583  6.658   1.00 21.99 ? 24  DG  B N7    1 
ATOM   481 C  C5    . DG  B 1 12 ? 13.136  10.875  7.333   1.00 21.24 ? 24  DG  B C5    1 
ATOM   482 C  C6    . DG  B 1 12 ? 12.552  10.257  8.468   1.00 21.61 ? 24  DG  B C6    1 
ATOM   483 O  O6    . DG  B 1 12 ? 12.964  9.286   9.112   1.00 22.01 ? 24  DG  B O6    1 
ATOM   484 N  N1    . DG  B 1 12 ? 11.367  10.882  8.836   1.00 19.82 ? 24  DG  B N1    1 
ATOM   485 C  C2    . DG  B 1 12 ? 10.815  11.968  8.200   1.00 19.59 ? 24  DG  B C2    1 
ATOM   486 N  N2    . DG  B 1 12 ? 9.683   12.455  8.726   1.00 19.95 ? 24  DG  B N2    1 
ATOM   487 N  N3    . DG  B 1 12 ? 11.339  12.541  7.130   1.00 20.07 ? 24  DG  B N3    1 
ATOM   488 C  C4    . DG  B 1 12 ? 12.491  11.950  6.754   1.00 21.50 ? 24  DG  B C4    1 
HETATM 489 MG MG    . MG  C 2 .  ? 6.848   4.541   11.264  1.00 29.71 ? 106 MG  A MG    1 
HETATM 490 O  O     . HOH D 3 .  ? 8.436   5.476   10.349  1.00 28.26 ? 107 HOH A O     1 
HETATM 491 O  O     . HOH D 3 .  ? 7.639   4.986   13.120  1.00 30.34 ? 108 HOH A O     1 
HETATM 492 O  O     . HOH D 3 .  ? 7.897   2.765   11.258  1.00 28.67 ? 109 HOH A O     1 
HETATM 493 O  O     . HOH D 3 .  ? 5.809   6.323   11.275  1.00 28.65 ? 110 HOH A O     1 
HETATM 494 O  O     . HOH D 3 .  ? -2.552  -5.309  1.925   1.00 21.88 ? 111 HOH A O     1 
HETATM 495 O  O     . HOH D 3 .  ? 7.857   2.660   -0.671  1.00 26.89 ? 112 HOH A O     1 
HETATM 496 O  O     . HOH D 3 .  ? -10.261 -6.286  -1.118  1.00 28.23 ? 113 HOH A O     1 
HETATM 497 O  O     . HOH D 3 .  ? 0.205   6.814   -0.526  1.00 42.85 ? 114 HOH A O     1 
HETATM 498 O  O     . HOH D 3 .  ? 0.654   4.229   -4.247  1.00 34.80 ? 115 HOH A O     1 
HETATM 499 O  O     . HOH D 3 .  ? 2.831   9.163   11.940  1.00 36.06 ? 116 HOH A O     1 
HETATM 500 O  O     . HOH D 3 .  ? 4.142   -2.560  -7.116  1.00 27.63 ? 117 HOH A O     1 
HETATM 501 O  O     . HOH D 3 .  ? -9.296  -13.405 -3.941  1.00 38.76 ? 118 HOH A O     1 
HETATM 502 O  O     . HOH D 3 .  ? 6.016   6.673   -8.933  1.00 36.47 ? 119 HOH A O     1 
HETATM 503 O  O     . HOH D 3 .  ? -1.156  4.430   -2.412  1.00 35.94 ? 120 HOH A O     1 
HETATM 504 O  O     . HOH D 3 .  ? -1.181  1.919   -5.770  1.00 34.13 ? 121 HOH A O     1 
HETATM 505 O  O     . HOH D 3 .  ? 3.234   -5.042  -7.525  1.00 30.86 ? 122 HOH A O     1 
HETATM 506 O  O     . HOH D 3 .  ? -8.988  -9.949  6.277   1.00 37.54 ? 123 HOH A O     1 
HETATM 507 O  O     . HOH D 3 .  ? 7.951   -0.441  -1.213  1.00 31.05 ? 124 HOH A O     1 
HETATM 508 O  O     . HOH D 3 .  ? 7.964   11.770  -6.261  1.00 52.08 ? 125 HOH A O     1 
HETATM 509 O  O     . HOH D 3 .  ? 2.567   -12.306 -2.878  1.00 46.71 ? 126 HOH A O     1 
HETATM 510 O  O     . HOH D 3 .  ? -5.516  -7.160  5.118   1.00 48.01 ? 127 HOH A O     1 
HETATM 511 O  O     . HOH D 3 .  ? -3.792  -9.898  -6.668  1.00 36.82 ? 128 HOH A O     1 
HETATM 512 O  O     . HOH D 3 .  ? -13.221 -14.731 2.670   1.00 53.72 ? 129 HOH A O     1 
HETATM 513 O  O     . HOH D 3 .  ? -5.509  -12.529 -0.345  1.00 47.00 ? 130 HOH A O     1 
HETATM 514 O  O     . HOH D 3 .  ? 1.008   -10.595 -9.191  1.00 51.61 ? 131 HOH A O     1 
HETATM 515 O  O     . HOH D 3 .  ? 2.674   6.812   9.470   1.00 40.24 ? 132 HOH A O     1 
HETATM 516 O  O     . HOH D 3 .  ? -1.305  -1.785  -7.180  1.00 27.61 ? 133 HOH A O     1 
HETATM 517 O  O     . HOH D 3 .  ? -12.371 -17.515 1.531   1.00 50.92 ? 134 HOH A O     1 
HETATM 518 O  O     . HOH D 3 .  ? -0.689  -9.389  -5.655  1.00 50.16 ? 135 HOH A O     1 
HETATM 519 O  O     . HOH D 3 .  ? 0.769   -7.809  -7.908  1.00 47.99 ? 136 HOH A O     1 
HETATM 520 O  O     . HOH D 3 .  ? 2.980   10.438  19.260  1.00 50.23 ? 137 HOH A O     1 
HETATM 521 O  O     . HOH D 3 .  ? 10.752  -2.284  -3.951  1.00 38.20 ? 138 HOH A O     1 
HETATM 522 O  O     . HOH D 3 .  ? -9.926  -14.968 0.595   1.00 51.68 ? 139 HOH A O     1 
HETATM 523 O  O     . HOH D 3 .  ? 1.319   12.472  20.303  1.00 54.81 ? 140 HOH A O     1 
HETATM 524 O  O     . HOH D 3 .  ? 1.621   10.477  -8.241  1.00 48.54 ? 141 HOH A O     1 
HETATM 525 O  O     . HOH D 3 .  ? 8.478   7.368   -0.930  1.00 33.88 ? 142 HOH A O     1 
HETATM 526 O  O     . HOH D 3 .  ? 11.487  1.232   -3.828  1.00 30.62 ? 143 HOH A O     1 
HETATM 527 O  O     . HOH D 3 .  ? -11.837 -13.587 -1.011  1.00 48.24 ? 144 HOH A O     1 
HETATM 528 O  O     . HOH D 3 .  ? 9.172   4.926   -2.170  1.00 33.16 ? 145 HOH A O     1 
HETATM 529 O  O     . HOH D 3 .  ? 0.087   -5.791  2.600   1.00 27.23 ? 146 HOH A O     1 
HETATM 530 O  O     . HOH D 3 .  ? 11.018  4.575   11.239  1.00 35.66 ? 147 HOH A O     1 
HETATM 531 O  O     . HOH D 3 .  ? 10.608  -2.025  -7.567  1.00 37.94 ? 148 HOH A O     1 
HETATM 532 O  O     . HOH D 3 .  ? 3.758   14.943  15.971  1.00 40.29 ? 149 HOH A O     1 
HETATM 533 O  O     . HOH D 3 .  ? -15.508 -12.533 -2.469  1.00 41.89 ? 150 HOH A O     1 
HETATM 534 O  O     . HOH D 3 .  ? 2.353   13.228  -8.623  1.00 44.19 ? 151 HOH A O     1 
HETATM 535 O  O     . HOH D 3 .  ? 0.954   -10.134 3.611   1.00 50.38 ? 152 HOH A O     1 
HETATM 536 O  O     . HOH D 3 .  ? 9.684   4.680   -9.887  1.00 49.33 ? 153 HOH A O     1 
HETATM 537 O  O     . HOH D 3 .  ? 2.811   -1.043  -9.022  1.00 33.25 ? 154 HOH A O     1 
HETATM 538 O  O     . HOH D 3 .  ? 0.856   7.139   5.005   1.00 44.18 ? 155 HOH A O     1 
HETATM 539 O  O     . HOH D 3 .  ? 13.548  -3.216  -3.885  1.00 46.65 ? 156 HOH A O     1 
HETATM 540 O  O     . HOH D 3 .  ? -0.198  1.979   -8.212  1.00 39.53 ? 157 HOH A O     1 
HETATM 541 O  O     . HOH D 3 .  ? 4.260   2.846   -7.186  1.00 35.95 ? 158 HOH A O     1 
HETATM 542 O  O     . HOH E 3 .  ? 5.245   3.603   12.170  1.00 28.97 ? 107 HOH B O     1 
HETATM 543 O  O     . HOH E 3 .  ? 6.055   4.085   9.408   1.00 27.61 ? 108 HOH B O     1 
HETATM 544 O  O     . HOH E 3 .  ? -3.741  -2.632  -8.221  1.00 22.46 ? 109 HOH B O     1 
HETATM 545 O  O     . HOH E 3 .  ? -3.963  -6.985  -10.331 1.00 31.85 ? 110 HOH B O     1 
HETATM 546 O  O     . HOH E 3 .  ? -5.895  -9.855  -9.106  1.00 38.57 ? 111 HOH B O     1 
HETATM 547 O  O     . HOH E 3 .  ? -6.947  -4.612  1.015   1.00 31.58 ? 112 HOH B O     1 
HETATM 548 O  O     . HOH E 3 .  ? 15.611  16.852  0.750   1.00 26.35 ? 113 HOH B O     1 
HETATM 549 O  O     . HOH E 3 .  ? -6.218  -1.745  -11.505 1.00 39.59 ? 114 HOH B O     1 
HETATM 550 O  O     . HOH E 3 .  ? 12.773  3.945   8.684   1.00 30.87 ? 115 HOH B O     1 
HETATM 551 O  O     . HOH E 3 .  ? -0.302  3.880   5.467   1.00 31.15 ? 116 HOH B O     1 
HETATM 552 O  O     . HOH E 3 .  ? -3.769  1.209   -5.656  1.00 31.79 ? 117 HOH B O     1 
HETATM 553 O  O     . HOH E 3 .  ? -3.577  3.473   -1.906  1.00 39.79 ? 118 HOH B O     1 
HETATM 554 O  O     . HOH E 3 .  ? 14.855  -3.514  4.344   1.00 40.26 ? 119 HOH B O     1 
HETATM 555 O  O     . HOH E 3 .  ? -6.029  0.666   -10.377 1.00 48.36 ? 120 HOH B O     1 
HETATM 556 O  O     . HOH E 3 .  ? -5.142  -5.540  3.021   1.00 27.99 ? 121 HOH B O     1 
HETATM 557 O  O     . HOH E 3 .  ? -5.593  -1.165  10.454  1.00 44.81 ? 122 HOH B O     1 
HETATM 558 O  O     . HOH E 3 .  ? -6.112  -12.953 -11.751 1.00 41.91 ? 123 HOH B O     1 
HETATM 559 O  O     . HOH E 3 .  ? 2.171   -4.104  1.332   1.00 27.59 ? 124 HOH B O     1 
HETATM 560 O  O     . HOH E 3 .  ? -6.728  1.546   4.166   1.00 41.44 ? 125 HOH B O     1 
HETATM 561 O  O     . HOH E 3 .  ? 5.077   -3.918  0.684   1.00 34.93 ? 126 HOH B O     1 
HETATM 562 O  O     . HOH E 3 .  ? -7.734  3.941   -0.239  1.00 46.49 ? 127 HOH B O     1 
HETATM 563 O  O     . HOH E 3 .  ? -1.787  2.806   7.959   1.00 45.76 ? 128 HOH B O     1 
HETATM 564 O  O     . HOH E 3 .  ? -4.360  -2.520  12.637  1.00 44.70 ? 129 HOH B O     1 
HETATM 565 O  O     . HOH E 3 .  ? -5.606  -13.218 -14.395 1.00 39.81 ? 130 HOH B O     1 
HETATM 566 O  O     . HOH E 3 .  ? -2.502  0.133   7.388   1.00 36.34 ? 131 HOH B O     1 
HETATM 567 O  O     . HOH E 3 .  ? 16.636  9.081   6.590   1.00 35.08 ? 132 HOH B O     1 
HETATM 568 O  O     . HOH E 3 .  ? 13.819  9.492   12.051  1.00 42.67 ? 133 HOH B O     1 
HETATM 569 O  O     . HOH E 3 .  ? -5.619  -5.552  12.349  1.00 40.38 ? 134 HOH B O     1 
HETATM 570 O  O     . HOH E 3 .  ? 11.952  -5.914  3.980   1.00 53.33 ? 135 HOH B O     1 
HETATM 571 O  O     . HOH E 3 .  ? 12.059  6.463   -0.112  1.00 32.32 ? 136 HOH B O     1 
HETATM 572 O  O     . HOH E 3 .  ? 14.121  4.565   -1.012  1.00 49.46 ? 137 HOH B O     1 
HETATM 573 O  O     . HOH E 3 .  ? -9.439  -5.634  1.435   1.00 37.00 ? 138 HOH B O     1 
HETATM 574 O  O     . HOH E 3 .  ? -6.926  -11.849 -8.002  1.00 45.07 ? 139 HOH B O     1 
HETATM 575 O  O     . HOH E 3 .  ? 15.286  0.974   -1.446  1.00 44.35 ? 140 HOH B O     1 
HETATM 576 O  O     . HOH E 3 .  ? 5.805   -1.270  0.204   1.00 26.91 ? 141 HOH B O     1 
HETATM 577 O  O     . HOH E 3 .  ? 17.505  8.819   10.137  1.00 42.69 ? 142 HOH B O     1 
HETATM 578 O  O     . HOH E 3 .  ? -2.304  -13.360 -13.438 1.00 45.84 ? 143 HOH B O     1 
HETATM 579 O  O     . HOH E 3 .  ? -1.571  5.656   9.667   1.00 46.06 ? 144 HOH B O     1 
HETATM 580 O  O     . HOH E 3 .  ? -6.847  3.571   -7.239  1.00 52.23 ? 145 HOH B O     1 
HETATM 581 O  O     . HOH E 3 .  ? 16.142  -0.518  1.718   1.00 43.92 ? 146 HOH B O     1 
HETATM 582 O  O     . HOH E 3 .  ? -7.700  0.163   8.253   1.00 48.30 ? 147 HOH B O     1 
HETATM 583 O  O     . HOH E 3 .  ? 16.507  0.737   4.072   1.00 40.70 ? 148 HOH B O     1 
HETATM 584 O  O     . HOH E 3 .  ? -4.763  2.648   -12.091 1.00 53.63 ? 149 HOH B O     1 
HETATM 585 O  O     . HOH E 3 .  ? -10.281 -6.012  3.828   1.00 35.30 ? 150 HOH B O     1 
HETATM 586 O  O     . HOH E 3 .  ? -8.741  5.072   -6.081  1.00 42.70 ? 151 HOH B O     1 
HETATM 587 O  O     . HOH E 3 .  ? 3.836   -3.437  12.367  1.00 38.82 ? 152 HOH B O     1 
HETATM 588 O  O     . HOH E 3 .  ? 9.979   5.627   1.358   1.00 28.44 ? 153 HOH B O     1 
HETATM 589 O  O     . HOH E 3 .  ? 6.811   -5.848  0.821   1.00 50.96 ? 154 HOH B O     1 
HETATM 590 O  O     . HOH E 3 .  ? -2.976  -4.475  -10.038 1.00 38.64 ? 155 HOH B O     1 
HETATM 591 O  O     . HOH E 3 .  ? -11.604 5.022   -6.907  1.00 42.47 ? 156 HOH B O     1 
HETATM 592 O  O     . HOH E 3 .  ? 16.216  2.134   6.504   1.00 40.28 ? 157 HOH B O     1 
HETATM 593 O  O     . HOH E 3 .  ? 15.039  7.759   9.049   1.00 39.64 ? 158 HOH B O     1 
HETATM 594 O  O     . HOH E 3 .  ? 8.730   1.648   8.682   1.00 31.94 ? 159 HOH B O     1 
HETATM 595 O  O     . HOH E 3 .  ? -11.941 -1.521  -15.643 1.00 33.52 ? 160 HOH B O     1 
HETATM 596 O  O     . HOH E 3 .  ? 17.034  6.272   5.959   1.00 42.69 ? 161 HOH B O     1 
HETATM 597 O  O     . HOH E 3 .  ? -0.655  -5.909  -9.820  1.00 45.77 ? 162 HOH B O     1 
HETATM 598 O  O     . HOH E 3 .  ? -5.321  -4.383  -14.364 1.00 45.46 ? 163 HOH B O     1 
HETATM 599 O  O     . HOH E 3 .  ? 2.965   -0.693  12.827  1.00 39.50 ? 164 HOH B O     1 
HETATM 600 O  O     . HOH E 3 .  ? -7.325  -4.026  13.984  1.00 47.88 ? 165 HOH B O     1 
# 
loop_
_pdbx_poly_seq_scheme.asym_id 
_pdbx_poly_seq_scheme.entity_id 
_pdbx_poly_seq_scheme.seq_id 
_pdbx_poly_seq_scheme.mon_id 
_pdbx_poly_seq_scheme.ndb_seq_num 
_pdbx_poly_seq_scheme.pdb_seq_num 
_pdbx_poly_seq_scheme.auth_seq_num 
_pdbx_poly_seq_scheme.pdb_mon_id 
_pdbx_poly_seq_scheme.auth_mon_id 
_pdbx_poly_seq_scheme.pdb_strand_id 
_pdbx_poly_seq_scheme.pdb_ins_code 
_pdbx_poly_seq_scheme.hetero 
A 1 1  DC  1  1  1  DC  C  A . n 
A 1 2  DG  2  2  2  DG  G  A . n 
A 1 3  DC  3  3  3  DC  C  A . n 
A 1 4  DA  4  4  4  DA  A  A . n 
A 1 5  DA  5  5  5  DA  A  A . n 
A 1 6  DA  6  6  6  DA  A  A . n 
A 1 7  DT  7  7  7  DT  T  A . n 
A 1 8  DT  8  8  8  DT  T  A . n 
A 1 9  C45 9  9  9  C45 +C A . n 
A 1 10 DG  10 10 10 DG  G  A . n 
A 1 11 DC  11 11 11 DC  C  A . n 
A 1 12 DG  12 12 12 DG  G  A . n 
B 1 1  DC  1  13 13 DC  C  B . n 
B 1 2  DG  2  14 14 DG  G  B . n 
B 1 3  DC  3  15 15 DC  C  B . n 
B 1 4  DA  4  16 16 DA  A  B . n 
B 1 5  DA  5  17 17 DA  A  B . n 
B 1 6  DA  6  18 18 DA  A  B . n 
B 1 7  DT  7  19 19 DT  T  B . n 
B 1 8  DT  8  20 20 DT  T  B . n 
B 1 9  C45 9  21 21 C45 +C B . n 
B 1 10 DG  10 22 22 DG  G  B . n 
B 1 11 DC  11 23 23 DC  C  B . n 
B 1 12 DG  12 24 24 DG  G  B . n 
# 
loop_
_pdbx_nonpoly_scheme.asym_id 
_pdbx_nonpoly_scheme.entity_id 
_pdbx_nonpoly_scheme.mon_id 
_pdbx_nonpoly_scheme.ndb_seq_num 
_pdbx_nonpoly_scheme.pdb_seq_num 
_pdbx_nonpoly_scheme.auth_seq_num 
_pdbx_nonpoly_scheme.pdb_mon_id 
_pdbx_nonpoly_scheme.auth_mon_id 
_pdbx_nonpoly_scheme.pdb_strand_id 
_pdbx_nonpoly_scheme.pdb_ins_code 
C 2 MG  1  106 106 MG  MO6 A . 
D 3 HOH 1  107 106 HOH MO6 A . 
D 3 HOH 2  108 106 HOH MO6 A . 
D 3 HOH 3  109 106 HOH MO6 A . 
D 3 HOH 4  110 106 HOH MO6 A . 
D 3 HOH 5  111 1   HOH HOH A . 
D 3 HOH 6  112 4   HOH HOH A . 
D 3 HOH 7  113 5   HOH HOH A . 
D 3 HOH 8  114 7   HOH HOH A . 
D 3 HOH 9  115 10  HOH HOH A . 
D 3 HOH 10 116 13  HOH HOH A . 
D 3 HOH 11 117 15  HOH HOH A . 
D 3 HOH 12 118 16  HOH HOH A . 
D 3 HOH 13 119 17  HOH HOH A . 
D 3 HOH 14 120 18  HOH HOH A . 
D 3 HOH 15 121 19  HOH HOH A . 
D 3 HOH 16 122 23  HOH HOH A . 
D 3 HOH 17 123 30  HOH HOH A . 
D 3 HOH 18 124 40  HOH HOH A . 
D 3 HOH 19 125 42  HOH HOH A . 
D 3 HOH 20 126 44  HOH HOH A . 
D 3 HOH 21 127 47  HOH HOH A . 
D 3 HOH 22 128 50  HOH HOH A . 
D 3 HOH 23 129 52  HOH HOH A . 
D 3 HOH 24 130 54  HOH HOH A . 
D 3 HOH 25 131 55  HOH HOH A . 
D 3 HOH 26 132 57  HOH HOH A . 
D 3 HOH 27 133 63  HOH HOH A . 
D 3 HOH 28 134 64  HOH HOH A . 
D 3 HOH 29 135 68  HOH HOH A . 
D 3 HOH 30 136 70  HOH HOH A . 
D 3 HOH 31 137 72  HOH HOH A . 
D 3 HOH 32 138 73  HOH HOH A . 
D 3 HOH 33 139 74  HOH HOH A . 
D 3 HOH 34 140 75  HOH HOH A . 
D 3 HOH 35 141 79  HOH HOH A . 
D 3 HOH 36 142 80  HOH HOH A . 
D 3 HOH 37 143 81  HOH HOH A . 
D 3 HOH 38 144 82  HOH HOH A . 
D 3 HOH 39 145 84  HOH HOH A . 
D 3 HOH 40 146 86  HOH HOH A . 
D 3 HOH 41 147 88  HOH HOH A . 
D 3 HOH 42 148 89  HOH HOH A . 
D 3 HOH 43 149 91  HOH HOH A . 
D 3 HOH 44 150 92  HOH HOH A . 
D 3 HOH 45 151 94  HOH HOH A . 
D 3 HOH 46 152 95  HOH HOH A . 
D 3 HOH 47 153 97  HOH HOH A . 
D 3 HOH 48 154 99  HOH HOH A . 
D 3 HOH 49 155 100 HOH HOH A . 
D 3 HOH 50 156 102 HOH HOH A . 
D 3 HOH 51 157 103 HOH HOH A . 
D 3 HOH 52 158 104 HOH HOH A . 
E 3 HOH 1  107 106 HOH MO6 B . 
E 3 HOH 2  108 106 HOH MO6 B . 
E 3 HOH 3  109 2   HOH HOH B . 
E 3 HOH 4  110 3   HOH HOH B . 
E 3 HOH 5  111 6   HOH HOH B . 
E 3 HOH 6  112 8   HOH HOH B . 
E 3 HOH 7  113 9   HOH HOH B . 
E 3 HOH 8  114 11  HOH HOH B . 
E 3 HOH 9  115 12  HOH HOH B . 
E 3 HOH 10 116 14  HOH HOH B . 
E 3 HOH 11 117 20  HOH HOH B . 
E 3 HOH 12 118 21  HOH HOH B . 
E 3 HOH 13 119 22  HOH HOH B . 
E 3 HOH 14 120 24  HOH HOH B . 
E 3 HOH 15 121 25  HOH HOH B . 
E 3 HOH 16 122 26  HOH HOH B . 
E 3 HOH 17 123 27  HOH HOH B . 
E 3 HOH 18 124 28  HOH HOH B . 
E 3 HOH 19 125 29  HOH HOH B . 
E 3 HOH 20 126 31  HOH HOH B . 
E 3 HOH 21 127 32  HOH HOH B . 
E 3 HOH 22 128 33  HOH HOH B . 
E 3 HOH 23 129 34  HOH HOH B . 
E 3 HOH 24 130 35  HOH HOH B . 
E 3 HOH 25 131 36  HOH HOH B . 
E 3 HOH 26 132 37  HOH HOH B . 
E 3 HOH 27 133 38  HOH HOH B . 
E 3 HOH 28 134 39  HOH HOH B . 
E 3 HOH 29 135 41  HOH HOH B . 
E 3 HOH 30 136 43  HOH HOH B . 
E 3 HOH 31 137 45  HOH HOH B . 
E 3 HOH 32 138 46  HOH HOH B . 
E 3 HOH 33 139 48  HOH HOH B . 
E 3 HOH 34 140 49  HOH HOH B . 
E 3 HOH 35 141 51  HOH HOH B . 
E 3 HOH 36 142 53  HOH HOH B . 
E 3 HOH 37 143 56  HOH HOH B . 
E 3 HOH 38 144 58  HOH HOH B . 
E 3 HOH 39 145 59  HOH HOH B . 
E 3 HOH 40 146 60  HOH HOH B . 
E 3 HOH 41 147 61  HOH HOH B . 
E 3 HOH 42 148 62  HOH HOH B . 
E 3 HOH 43 149 65  HOH HOH B . 
E 3 HOH 44 150 66  HOH HOH B . 
E 3 HOH 45 151 67  HOH HOH B . 
E 3 HOH 46 152 69  HOH HOH B . 
E 3 HOH 47 153 71  HOH HOH B . 
E 3 HOH 48 154 76  HOH HOH B . 
E 3 HOH 49 155 77  HOH HOH B . 
E 3 HOH 50 156 78  HOH HOH B . 
E 3 HOH 51 157 83  HOH HOH B . 
E 3 HOH 52 158 85  HOH HOH B . 
E 3 HOH 53 159 87  HOH HOH B . 
E 3 HOH 54 160 90  HOH HOH B . 
E 3 HOH 55 161 93  HOH HOH B . 
E 3 HOH 56 162 96  HOH HOH B . 
E 3 HOH 57 163 98  HOH HOH B . 
E 3 HOH 58 164 101 HOH HOH B . 
E 3 HOH 59 165 105 HOH HOH B . 
# 
loop_
_pdbx_struct_mod_residue.id 
_pdbx_struct_mod_residue.label_asym_id 
_pdbx_struct_mod_residue.label_comp_id 
_pdbx_struct_mod_residue.label_seq_id 
_pdbx_struct_mod_residue.auth_asym_id 
_pdbx_struct_mod_residue.auth_comp_id 
_pdbx_struct_mod_residue.auth_seq_id 
_pdbx_struct_mod_residue.PDB_ins_code 
_pdbx_struct_mod_residue.parent_comp_id 
_pdbx_struct_mod_residue.details 
1 A C45 9 A C45 9  ? DC ? 
2 B C45 9 B C45 21 ? DC ? 
# 
_pdbx_struct_assembly.id                   1 
_pdbx_struct_assembly.details              author_defined_assembly 
_pdbx_struct_assembly.method_details       ? 
_pdbx_struct_assembly.oligomeric_details   dimeric 
_pdbx_struct_assembly.oligomeric_count     2 
# 
_pdbx_struct_assembly_gen.assembly_id       1 
_pdbx_struct_assembly_gen.oper_expression   1 
_pdbx_struct_assembly_gen.asym_id_list      A,B,C,D,E 
# 
_pdbx_struct_oper_list.id                   1 
_pdbx_struct_oper_list.type                 'identity operation' 
_pdbx_struct_oper_list.name                 1_555 
_pdbx_struct_oper_list.symmetry_operation   x,y,z 
_pdbx_struct_oper_list.matrix[1][1]         1.0000000000 
_pdbx_struct_oper_list.matrix[1][2]         0.0000000000 
_pdbx_struct_oper_list.matrix[1][3]         0.0000000000 
_pdbx_struct_oper_list.vector[1]            0.0000000000 
_pdbx_struct_oper_list.matrix[2][1]         0.0000000000 
_pdbx_struct_oper_list.matrix[2][2]         1.0000000000 
_pdbx_struct_oper_list.matrix[2][3]         0.0000000000 
_pdbx_struct_oper_list.vector[2]            0.0000000000 
_pdbx_struct_oper_list.matrix[3][1]         0.0000000000 
_pdbx_struct_oper_list.matrix[3][2]         0.0000000000 
_pdbx_struct_oper_list.matrix[3][3]         1.0000000000 
_pdbx_struct_oper_list.vector[3]            0.0000000000 
# 
loop_
_pdbx_struct_conn_angle.id 
_pdbx_struct_conn_angle.ptnr1_label_atom_id 
_pdbx_struct_conn_angle.ptnr1_label_alt_id 
_pdbx_struct_conn_angle.ptnr1_label_asym_id 
_pdbx_struct_conn_angle.ptnr1_label_comp_id 
_pdbx_struct_conn_angle.ptnr1_label_seq_id 
_pdbx_struct_conn_angle.ptnr1_auth_atom_id 
_pdbx_struct_conn_angle.ptnr1_auth_asym_id 
_pdbx_struct_conn_angle.ptnr1_auth_comp_id 
_pdbx_struct_conn_angle.ptnr1_auth_seq_id 
_pdbx_struct_conn_angle.ptnr1_PDB_ins_code 
_pdbx_struct_conn_angle.ptnr1_symmetry 
_pdbx_struct_conn_angle.ptnr2_label_atom_id 
_pdbx_struct_conn_angle.ptnr2_label_alt_id 
_pdbx_struct_conn_angle.ptnr2_label_asym_id 
_pdbx_struct_conn_angle.ptnr2_label_comp_id 
_pdbx_struct_conn_angle.ptnr2_label_seq_id 
_pdbx_struct_conn_angle.ptnr2_auth_atom_id 
_pdbx_struct_conn_angle.ptnr2_auth_asym_id 
_pdbx_struct_conn_angle.ptnr2_auth_comp_id 
_pdbx_struct_conn_angle.ptnr2_auth_seq_id 
_pdbx_struct_conn_angle.ptnr2_PDB_ins_code 
_pdbx_struct_conn_angle.ptnr2_symmetry 
_pdbx_struct_conn_angle.ptnr3_label_atom_id 
_pdbx_struct_conn_angle.ptnr3_label_alt_id 
_pdbx_struct_conn_angle.ptnr3_label_asym_id 
_pdbx_struct_conn_angle.ptnr3_label_comp_id 
_pdbx_struct_conn_angle.ptnr3_label_seq_id 
_pdbx_struct_conn_angle.ptnr3_auth_atom_id 
_pdbx_struct_conn_angle.ptnr3_auth_asym_id 
_pdbx_struct_conn_angle.ptnr3_auth_comp_id 
_pdbx_struct_conn_angle.ptnr3_auth_seq_id 
_pdbx_struct_conn_angle.ptnr3_PDB_ins_code 
_pdbx_struct_conn_angle.ptnr3_symmetry 
_pdbx_struct_conn_angle.value 
_pdbx_struct_conn_angle.value_esd 
1  O ? D HOH . ? A HOH 107 ? 1_555 MG ? C MG . ? A MG 106 ? 1_555 O ? D HOH . ? A HOH 108 ? 1_555 90.4  ? 
2  O ? D HOH . ? A HOH 107 ? 1_555 MG ? C MG . ? A MG 106 ? 1_555 O ? D HOH . ? A HOH 109 ? 1_555 89.8  ? 
3  O ? D HOH . ? A HOH 108 ? 1_555 MG ? C MG . ? A MG 106 ? 1_555 O ? D HOH . ? A HOH 109 ? 1_555 89.6  ? 
4  O ? D HOH . ? A HOH 107 ? 1_555 MG ? C MG . ? A MG 106 ? 1_555 O ? D HOH . ? A HOH 110 ? 1_555 89.9  ? 
5  O ? D HOH . ? A HOH 108 ? 1_555 MG ? C MG . ? A MG 106 ? 1_555 O ? D HOH . ? A HOH 110 ? 1_555 90.1  ? 
6  O ? D HOH . ? A HOH 109 ? 1_555 MG ? C MG . ? A MG 106 ? 1_555 O ? D HOH . ? A HOH 110 ? 1_555 179.6 ? 
7  O ? D HOH . ? A HOH 107 ? 1_555 MG ? C MG . ? A MG 106 ? 1_555 O ? E HOH . ? B HOH 107 ? 1_555 179.6 ? 
8  O ? D HOH . ? A HOH 108 ? 1_555 MG ? C MG . ? A MG 106 ? 1_555 O ? E HOH . ? B HOH 107 ? 1_555 90.0  ? 
9  O ? D HOH . ? A HOH 109 ? 1_555 MG ? C MG . ? A MG 106 ? 1_555 O ? E HOH . ? B HOH 107 ? 1_555 90.3  ? 
10 O ? D HOH . ? A HOH 110 ? 1_555 MG ? C MG . ? A MG 106 ? 1_555 O ? E HOH . ? B HOH 107 ? 1_555 90.0  ? 
11 O ? D HOH . ? A HOH 107 ? 1_555 MG ? C MG . ? A MG 106 ? 1_555 O ? E HOH . ? B HOH 108 ? 1_555 89.8  ? 
12 O ? D HOH . ? A HOH 108 ? 1_555 MG ? C MG . ? A MG 106 ? 1_555 O ? E HOH . ? B HOH 108 ? 1_555 179.7 ? 
13 O ? D HOH . ? A HOH 109 ? 1_555 MG ? C MG . ? A MG 106 ? 1_555 O ? E HOH . ? B HOH 108 ? 1_555 90.1  ? 
14 O ? D HOH . ? A HOH 110 ? 1_555 MG ? C MG . ? A MG 106 ? 1_555 O ? E HOH . ? B HOH 108 ? 1_555 90.1  ? 
15 O ? E HOH . ? B HOH 107 ? 1_555 MG ? C MG . ? A MG 106 ? 1_555 O ? E HOH . ? B HOH 108 ? 1_555 89.8  ? 
# 
loop_
_pdbx_audit_revision_history.ordinal 
_pdbx_audit_revision_history.data_content_type 
_pdbx_audit_revision_history.major_revision 
_pdbx_audit_revision_history.minor_revision 
_pdbx_audit_revision_history.revision_date 
1 'Structure model' 1 0 2001-09-28 
2 'Structure model' 1 1 2007-10-16 
3 'Structure model' 1 2 2011-07-13 
4 'Structure model' 1 3 2023-08-16 
# 
_pdbx_audit_revision_details.ordinal             1 
_pdbx_audit_revision_details.revision_ordinal    1 
_pdbx_audit_revision_details.data_content_type   'Structure model' 
_pdbx_audit_revision_details.provider            repository 
_pdbx_audit_revision_details.type                'Initial release' 
_pdbx_audit_revision_details.description         ? 
_pdbx_audit_revision_details.details             ? 
# 
loop_
_pdbx_audit_revision_group.ordinal 
_pdbx_audit_revision_group.revision_ordinal 
_pdbx_audit_revision_group.data_content_type 
_pdbx_audit_revision_group.group 
1 2 'Structure model' 'Version format compliance' 
2 3 'Structure model' 'Version format compliance' 
3 4 'Structure model' 'Data collection'           
4 4 'Structure model' 'Database references'       
5 4 'Structure model' 'Derived calculations'      
6 4 'Structure model' 'Refinement description'    
# 
loop_
_pdbx_audit_revision_category.ordinal 
_pdbx_audit_revision_category.revision_ordinal 
_pdbx_audit_revision_category.data_content_type 
_pdbx_audit_revision_category.category 
1 4 'Structure model' chem_comp_atom                
2 4 'Structure model' chem_comp_bond                
3 4 'Structure model' database_2                    
4 4 'Structure model' pdbx_initial_refinement_model 
5 4 'Structure model' pdbx_struct_conn_angle        
6 4 'Structure model' struct_conn                   
7 4 'Structure model' struct_conn_type              
8 4 'Structure model' struct_site                   
# 
loop_
_pdbx_audit_revision_item.ordinal 
_pdbx_audit_revision_item.revision_ordinal 
_pdbx_audit_revision_item.data_content_type 
_pdbx_audit_revision_item.item 
1  4 'Structure model' '_database_2.pdbx_DOI'                      
2  4 'Structure model' '_database_2.pdbx_database_accession'       
3  4 'Structure model' '_pdbx_struct_conn_angle.ptnr1_auth_seq_id' 
4  4 'Structure model' '_pdbx_struct_conn_angle.ptnr3_auth_seq_id' 
5  4 'Structure model' '_pdbx_struct_conn_angle.value'             
6  4 'Structure model' '_struct_conn.conn_type_id'                 
7  4 'Structure model' '_struct_conn.id'                           
8  4 'Structure model' '_struct_conn.pdbx_dist_value'              
9  4 'Structure model' '_struct_conn.pdbx_leaving_atom_flag'       
10 4 'Structure model' '_struct_conn.ptnr1_auth_asym_id'           
11 4 'Structure model' '_struct_conn.ptnr1_auth_comp_id'           
12 4 'Structure model' '_struct_conn.ptnr1_auth_seq_id'            
13 4 'Structure model' '_struct_conn.ptnr1_label_asym_id'          
14 4 'Structure model' '_struct_conn.ptnr1_label_atom_id'          
15 4 'Structure model' '_struct_conn.ptnr1_label_comp_id'          
16 4 'Structure model' '_struct_conn.ptnr1_label_seq_id'           
17 4 'Structure model' '_struct_conn.ptnr2_auth_asym_id'           
18 4 'Structure model' '_struct_conn.ptnr2_auth_comp_id'           
19 4 'Structure model' '_struct_conn.ptnr2_auth_seq_id'            
20 4 'Structure model' '_struct_conn.ptnr2_label_asym_id'          
21 4 'Structure model' '_struct_conn.ptnr2_label_atom_id'          
22 4 'Structure model' '_struct_conn.ptnr2_label_comp_id'          
23 4 'Structure model' '_struct_conn.ptnr2_label_seq_id'           
24 4 'Structure model' '_struct_conn_type.id'                      
25 4 'Structure model' '_struct_site.pdbx_auth_asym_id'            
26 4 'Structure model' '_struct_site.pdbx_auth_comp_id'            
27 4 'Structure model' '_struct_site.pdbx_auth_seq_id'             
# 
loop_
_software.name 
_software.classification 
_software.version 
_software.citation_id 
_software.pdbx_ordinal 
AMoRE  phasing          .         ? 1 
CNS    refinement       1.0       ? 2 
MOSFLM 'data reduction' .         ? 3 
CCP4   'data scaling'   '(SCALA)' ? 4 
# 
loop_
_chem_comp_atom.comp_id 
_chem_comp_atom.atom_id 
_chem_comp_atom.type_symbol 
_chem_comp_atom.pdbx_aromatic_flag 
_chem_comp_atom.pdbx_stereo_config 
_chem_comp_atom.pdbx_ordinal 
C45 N1     N  N N 1   
C45 C2     C  N N 2   
C45 N3     N  N N 3   
C45 C4     C  N N 4   
C45 C5     C  N N 5   
C45 C6     C  N N 6   
C45 O2     O  N N 7   
C45 N4     N  N N 8   
C45 "C1'"  C  N R 9   
C45 "C2'"  C  N N 10  
C45 CM2    C  N N 11  
C45 "C3'"  C  N S 12  
C45 "C4'"  C  N R 13  
C45 "O4'"  O  N N 14  
C45 "O3'"  O  N N 15  
C45 "C5'"  C  N N 16  
C45 "O5'"  O  N N 17  
C45 P      P  N N 18  
C45 O1P    O  N N 19  
C45 O2P    O  N N 20  
C45 O      O  N N 21  
C45 O3P    O  N N 22  
C45 H5     H  N N 23  
C45 H6     H  N N 24  
C45 H4     H  N N 25  
C45 "H1'"  H  N N 26  
C45 "H2'1" H  N N 27  
C45 "H2'2" H  N N 28  
C45 HM21   H  N N 29  
C45 HM22   H  N N 30  
C45 HM23   H  N N 31  
C45 "H3'"  H  N N 32  
C45 "H4'"  H  N N 33  
C45 HA     H  N N 34  
C45 "H5'1" H  N N 35  
C45 "H5'2" H  N N 36  
C45 H1P    H  N N 37  
C45 H2P    H  N N 38  
DA  OP3    O  N N 39  
DA  P      P  N N 40  
DA  OP1    O  N N 41  
DA  OP2    O  N N 42  
DA  "O5'"  O  N N 43  
DA  "C5'"  C  N N 44  
DA  "C4'"  C  N R 45  
DA  "O4'"  O  N N 46  
DA  "C3'"  C  N S 47  
DA  "O3'"  O  N N 48  
DA  "C2'"  C  N N 49  
DA  "C1'"  C  N R 50  
DA  N9     N  Y N 51  
DA  C8     C  Y N 52  
DA  N7     N  Y N 53  
DA  C5     C  Y N 54  
DA  C6     C  Y N 55  
DA  N6     N  N N 56  
DA  N1     N  Y N 57  
DA  C2     C  Y N 58  
DA  N3     N  Y N 59  
DA  C4     C  Y N 60  
DA  HOP3   H  N N 61  
DA  HOP2   H  N N 62  
DA  "H5'"  H  N N 63  
DA  "H5''" H  N N 64  
DA  "H4'"  H  N N 65  
DA  "H3'"  H  N N 66  
DA  "HO3'" H  N N 67  
DA  "H2'"  H  N N 68  
DA  "H2''" H  N N 69  
DA  "H1'"  H  N N 70  
DA  H8     H  N N 71  
DA  H61    H  N N 72  
DA  H62    H  N N 73  
DA  H2     H  N N 74  
DC  OP3    O  N N 75  
DC  P      P  N N 76  
DC  OP1    O  N N 77  
DC  OP2    O  N N 78  
DC  "O5'"  O  N N 79  
DC  "C5'"  C  N N 80  
DC  "C4'"  C  N R 81  
DC  "O4'"  O  N N 82  
DC  "C3'"  C  N S 83  
DC  "O3'"  O  N N 84  
DC  "C2'"  C  N N 85  
DC  "C1'"  C  N R 86  
DC  N1     N  N N 87  
DC  C2     C  N N 88  
DC  O2     O  N N 89  
DC  N3     N  N N 90  
DC  C4     C  N N 91  
DC  N4     N  N N 92  
DC  C5     C  N N 93  
DC  C6     C  N N 94  
DC  HOP3   H  N N 95  
DC  HOP2   H  N N 96  
DC  "H5'"  H  N N 97  
DC  "H5''" H  N N 98  
DC  "H4'"  H  N N 99  
DC  "H3'"  H  N N 100 
DC  "HO3'" H  N N 101 
DC  "H2'"  H  N N 102 
DC  "H2''" H  N N 103 
DC  "H1'"  H  N N 104 
DC  H41    H  N N 105 
DC  H42    H  N N 106 
DC  H5     H  N N 107 
DC  H6     H  N N 108 
DG  OP3    O  N N 109 
DG  P      P  N N 110 
DG  OP1    O  N N 111 
DG  OP2    O  N N 112 
DG  "O5'"  O  N N 113 
DG  "C5'"  C  N N 114 
DG  "C4'"  C  N R 115 
DG  "O4'"  O  N N 116 
DG  "C3'"  C  N S 117 
DG  "O3'"  O  N N 118 
DG  "C2'"  C  N N 119 
DG  "C1'"  C  N R 120 
DG  N9     N  Y N 121 
DG  C8     C  Y N 122 
DG  N7     N  Y N 123 
DG  C5     C  Y N 124 
DG  C6     C  N N 125 
DG  O6     O  N N 126 
DG  N1     N  N N 127 
DG  C2     C  N N 128 
DG  N2     N  N N 129 
DG  N3     N  N N 130 
DG  C4     C  Y N 131 
DG  HOP3   H  N N 132 
DG  HOP2   H  N N 133 
DG  "H5'"  H  N N 134 
DG  "H5''" H  N N 135 
DG  "H4'"  H  N N 136 
DG  "H3'"  H  N N 137 
DG  "HO3'" H  N N 138 
DG  "H2'"  H  N N 139 
DG  "H2''" H  N N 140 
DG  "H1'"  H  N N 141 
DG  H8     H  N N 142 
DG  H1     H  N N 143 
DG  H21    H  N N 144 
DG  H22    H  N N 145 
DT  OP3    O  N N 146 
DT  P      P  N N 147 
DT  OP1    O  N N 148 
DT  OP2    O  N N 149 
DT  "O5'"  O  N N 150 
DT  "C5'"  C  N N 151 
DT  "C4'"  C  N R 152 
DT  "O4'"  O  N N 153 
DT  "C3'"  C  N S 154 
DT  "O3'"  O  N N 155 
DT  "C2'"  C  N N 156 
DT  "C1'"  C  N R 157 
DT  N1     N  N N 158 
DT  C2     C  N N 159 
DT  O2     O  N N 160 
DT  N3     N  N N 161 
DT  C4     C  N N 162 
DT  O4     O  N N 163 
DT  C5     C  N N 164 
DT  C7     C  N N 165 
DT  C6     C  N N 166 
DT  HOP3   H  N N 167 
DT  HOP2   H  N N 168 
DT  "H5'"  H  N N 169 
DT  "H5''" H  N N 170 
DT  "H4'"  H  N N 171 
DT  "H3'"  H  N N 172 
DT  "HO3'" H  N N 173 
DT  "H2'"  H  N N 174 
DT  "H2''" H  N N 175 
DT  "H1'"  H  N N 176 
DT  H3     H  N N 177 
DT  H71    H  N N 178 
DT  H72    H  N N 179 
DT  H73    H  N N 180 
DT  H6     H  N N 181 
HOH O      O  N N 182 
HOH H1     H  N N 183 
HOH H2     H  N N 184 
MG  MG     MG N N 185 
# 
loop_
_chem_comp_bond.comp_id 
_chem_comp_bond.atom_id_1 
_chem_comp_bond.atom_id_2 
_chem_comp_bond.value_order 
_chem_comp_bond.pdbx_aromatic_flag 
_chem_comp_bond.pdbx_stereo_config 
_chem_comp_bond.pdbx_ordinal 
C45 N1    C2     sing N N 1   
C45 N1    C6     sing N N 2   
C45 N1    "C1'"  sing N N 3   
C45 C2    N3     sing N N 4   
C45 C2    O2     doub N N 5   
C45 N3    C4     doub N N 6   
C45 C4    C5     sing N N 7   
C45 C4    N4     sing N N 8   
C45 C5    C6     doub N N 9   
C45 C5    H5     sing N N 10  
C45 C6    H6     sing N N 11  
C45 N4    O      sing N N 12  
C45 N4    H4     sing N N 13  
C45 "C1'" "C2'"  sing N N 14  
C45 "C1'" "O4'"  sing N N 15  
C45 "C1'" "H1'"  sing N N 16  
C45 "C2'" "C3'"  sing N N 17  
C45 "C2'" "H2'1" sing N N 18  
C45 "C2'" "H2'2" sing N N 19  
C45 CM2   O      sing N N 20  
C45 CM2   HM21   sing N N 21  
C45 CM2   HM22   sing N N 22  
C45 CM2   HM23   sing N N 23  
C45 "C3'" "C4'"  sing N N 24  
C45 "C3'" "O3'"  sing N N 25  
C45 "C3'" "H3'"  sing N N 26  
C45 "C4'" "O4'"  sing N N 27  
C45 "C4'" "C5'"  sing N N 28  
C45 "C4'" "H4'"  sing N N 29  
C45 "O3'" HA     sing N N 30  
C45 "C5'" "O5'"  sing N N 31  
C45 "C5'" "H5'1" sing N N 32  
C45 "C5'" "H5'2" sing N N 33  
C45 "O5'" P      sing N N 34  
C45 P     O1P    sing N N 35  
C45 P     O2P    sing N N 36  
C45 P     O3P    doub N N 37  
C45 O1P   H1P    sing N N 38  
C45 O2P   H2P    sing N N 39  
DA  OP3   P      sing N N 40  
DA  OP3   HOP3   sing N N 41  
DA  P     OP1    doub N N 42  
DA  P     OP2    sing N N 43  
DA  P     "O5'"  sing N N 44  
DA  OP2   HOP2   sing N N 45  
DA  "O5'" "C5'"  sing N N 46  
DA  "C5'" "C4'"  sing N N 47  
DA  "C5'" "H5'"  sing N N 48  
DA  "C5'" "H5''" sing N N 49  
DA  "C4'" "O4'"  sing N N 50  
DA  "C4'" "C3'"  sing N N 51  
DA  "C4'" "H4'"  sing N N 52  
DA  "O4'" "C1'"  sing N N 53  
DA  "C3'" "O3'"  sing N N 54  
DA  "C3'" "C2'"  sing N N 55  
DA  "C3'" "H3'"  sing N N 56  
DA  "O3'" "HO3'" sing N N 57  
DA  "C2'" "C1'"  sing N N 58  
DA  "C2'" "H2'"  sing N N 59  
DA  "C2'" "H2''" sing N N 60  
DA  "C1'" N9     sing N N 61  
DA  "C1'" "H1'"  sing N N 62  
DA  N9    C8     sing Y N 63  
DA  N9    C4     sing Y N 64  
DA  C8    N7     doub Y N 65  
DA  C8    H8     sing N N 66  
DA  N7    C5     sing Y N 67  
DA  C5    C6     sing Y N 68  
DA  C5    C4     doub Y N 69  
DA  C6    N6     sing N N 70  
DA  C6    N1     doub Y N 71  
DA  N6    H61    sing N N 72  
DA  N6    H62    sing N N 73  
DA  N1    C2     sing Y N 74  
DA  C2    N3     doub Y N 75  
DA  C2    H2     sing N N 76  
DA  N3    C4     sing Y N 77  
DC  OP3   P      sing N N 78  
DC  OP3   HOP3   sing N N 79  
DC  P     OP1    doub N N 80  
DC  P     OP2    sing N N 81  
DC  P     "O5'"  sing N N 82  
DC  OP2   HOP2   sing N N 83  
DC  "O5'" "C5'"  sing N N 84  
DC  "C5'" "C4'"  sing N N 85  
DC  "C5'" "H5'"  sing N N 86  
DC  "C5'" "H5''" sing N N 87  
DC  "C4'" "O4'"  sing N N 88  
DC  "C4'" "C3'"  sing N N 89  
DC  "C4'" "H4'"  sing N N 90  
DC  "O4'" "C1'"  sing N N 91  
DC  "C3'" "O3'"  sing N N 92  
DC  "C3'" "C2'"  sing N N 93  
DC  "C3'" "H3'"  sing N N 94  
DC  "O3'" "HO3'" sing N N 95  
DC  "C2'" "C1'"  sing N N 96  
DC  "C2'" "H2'"  sing N N 97  
DC  "C2'" "H2''" sing N N 98  
DC  "C1'" N1     sing N N 99  
DC  "C1'" "H1'"  sing N N 100 
DC  N1    C2     sing N N 101 
DC  N1    C6     sing N N 102 
DC  C2    O2     doub N N 103 
DC  C2    N3     sing N N 104 
DC  N3    C4     doub N N 105 
DC  C4    N4     sing N N 106 
DC  C4    C5     sing N N 107 
DC  N4    H41    sing N N 108 
DC  N4    H42    sing N N 109 
DC  C5    C6     doub N N 110 
DC  C5    H5     sing N N 111 
DC  C6    H6     sing N N 112 
DG  OP3   P      sing N N 113 
DG  OP3   HOP3   sing N N 114 
DG  P     OP1    doub N N 115 
DG  P     OP2    sing N N 116 
DG  P     "O5'"  sing N N 117 
DG  OP2   HOP2   sing N N 118 
DG  "O5'" "C5'"  sing N N 119 
DG  "C5'" "C4'"  sing N N 120 
DG  "C5'" "H5'"  sing N N 121 
DG  "C5'" "H5''" sing N N 122 
DG  "C4'" "O4'"  sing N N 123 
DG  "C4'" "C3'"  sing N N 124 
DG  "C4'" "H4'"  sing N N 125 
DG  "O4'" "C1'"  sing N N 126 
DG  "C3'" "O3'"  sing N N 127 
DG  "C3'" "C2'"  sing N N 128 
DG  "C3'" "H3'"  sing N N 129 
DG  "O3'" "HO3'" sing N N 130 
DG  "C2'" "C1'"  sing N N 131 
DG  "C2'" "H2'"  sing N N 132 
DG  "C2'" "H2''" sing N N 133 
DG  "C1'" N9     sing N N 134 
DG  "C1'" "H1'"  sing N N 135 
DG  N9    C8     sing Y N 136 
DG  N9    C4     sing Y N 137 
DG  C8    N7     doub Y N 138 
DG  C8    H8     sing N N 139 
DG  N7    C5     sing Y N 140 
DG  C5    C6     sing N N 141 
DG  C5    C4     doub Y N 142 
DG  C6    O6     doub N N 143 
DG  C6    N1     sing N N 144 
DG  N1    C2     sing N N 145 
DG  N1    H1     sing N N 146 
DG  C2    N2     sing N N 147 
DG  C2    N3     doub N N 148 
DG  N2    H21    sing N N 149 
DG  N2    H22    sing N N 150 
DG  N3    C4     sing N N 151 
DT  OP3   P      sing N N 152 
DT  OP3   HOP3   sing N N 153 
DT  P     OP1    doub N N 154 
DT  P     OP2    sing N N 155 
DT  P     "O5'"  sing N N 156 
DT  OP2   HOP2   sing N N 157 
DT  "O5'" "C5'"  sing N N 158 
DT  "C5'" "C4'"  sing N N 159 
DT  "C5'" "H5'"  sing N N 160 
DT  "C5'" "H5''" sing N N 161 
DT  "C4'" "O4'"  sing N N 162 
DT  "C4'" "C3'"  sing N N 163 
DT  "C4'" "H4'"  sing N N 164 
DT  "O4'" "C1'"  sing N N 165 
DT  "C3'" "O3'"  sing N N 166 
DT  "C3'" "C2'"  sing N N 167 
DT  "C3'" "H3'"  sing N N 168 
DT  "O3'" "HO3'" sing N N 169 
DT  "C2'" "C1'"  sing N N 170 
DT  "C2'" "H2'"  sing N N 171 
DT  "C2'" "H2''" sing N N 172 
DT  "C1'" N1     sing N N 173 
DT  "C1'" "H1'"  sing N N 174 
DT  N1    C2     sing N N 175 
DT  N1    C6     sing N N 176 
DT  C2    O2     doub N N 177 
DT  C2    N3     sing N N 178 
DT  N3    C4     sing N N 179 
DT  N3    H3     sing N N 180 
DT  C4    O4     doub N N 181 
DT  C4    C5     sing N N 182 
DT  C5    C7     sing N N 183 
DT  C5    C6     doub N N 184 
DT  C7    H71    sing N N 185 
DT  C7    H72    sing N N 186 
DT  C7    H73    sing N N 187 
DT  C6    H6     sing N N 188 
HOH O     H1     sing N N 189 
HOH O     H2     sing N N 190 
# 
loop_
_ndb_struct_conf_na.entry_id 
_ndb_struct_conf_na.feature 
1J8L 'double helix'         
1J8L 'b-form double helix'  
1J8L 'mismatched base pair' 
# 
loop_
_ndb_struct_na_base_pair.model_number 
_ndb_struct_na_base_pair.i_label_asym_id 
_ndb_struct_na_base_pair.i_label_comp_id 
_ndb_struct_na_base_pair.i_label_seq_id 
_ndb_struct_na_base_pair.i_symmetry 
_ndb_struct_na_base_pair.j_label_asym_id 
_ndb_struct_na_base_pair.j_label_comp_id 
_ndb_struct_na_base_pair.j_label_seq_id 
_ndb_struct_na_base_pair.j_symmetry 
_ndb_struct_na_base_pair.shear 
_ndb_struct_na_base_pair.stretch 
_ndb_struct_na_base_pair.stagger 
_ndb_struct_na_base_pair.buckle 
_ndb_struct_na_base_pair.propeller 
_ndb_struct_na_base_pair.opening 
_ndb_struct_na_base_pair.pair_number 
_ndb_struct_na_base_pair.pair_name 
_ndb_struct_na_base_pair.i_auth_asym_id 
_ndb_struct_na_base_pair.i_auth_seq_id 
_ndb_struct_na_base_pair.i_PDB_ins_code 
_ndb_struct_na_base_pair.j_auth_asym_id 
_ndb_struct_na_base_pair.j_auth_seq_id 
_ndb_struct_na_base_pair.j_PDB_ins_code 
_ndb_struct_na_base_pair.hbond_type_28 
_ndb_struct_na_base_pair.hbond_type_12 
1 A DC 1  1_555 B DG 12 1_555 0.406  -0.233 0.190 2.188  -15.862 0.910  1  A_DC1:DG24_B  A 1  ? B 24 ? 19 1 
1 A DG 2  1_555 B DC 11 1_555 -0.317 -0.249 0.409 2.709  -9.982  -2.357 2  A_DG2:DC23_B  A 2  ? B 23 ? 19 1 
1 A DC 3  1_555 B DG 10 1_555 -0.061 -0.156 0.044 1.814  -2.184  -0.103 3  A_DC3:DG22_B  A 3  ? B 22 ? 19 1 
1 A DA 5  1_555 B DT 8  1_555 0.077  -0.137 0.311 10.212 -16.948 4.339  4  A_DA5:DT20_B  A 5  ? B 20 ? 20 1 
1 A DA 6  1_555 B DT 7  1_555 0.004  -0.105 0.264 3.773  -17.869 5.175  5  A_DA6:DT19_B  A 6  ? B 19 ? 20 1 
1 A DT 7  1_555 B DA 6  1_555 -0.010 -0.099 0.200 -2.425 -17.854 4.494  6  A_DT7:DA18_B  A 7  ? B 18 ? 20 1 
1 A DT 8  1_555 B DA 5  1_555 -0.082 -0.144 0.190 -9.314 -14.363 4.325  7  A_DT8:DA17_B  A 8  ? B 17 ? 20 1 
1 A DG 10 1_555 B DC 3  1_555 -0.041 -0.129 0.140 5.260  -5.873  3.937  8  A_DG10:DC15_B A 10 ? B 15 ? 19 1 
1 A DC 11 1_555 B DG 2  1_555 0.064  -0.159 0.318 1.248  -16.442 -4.345 9  A_DC11:DG14_B A 11 ? B 14 ? 19 1 
1 A DG 12 1_555 B DC 1  1_555 -0.133 -0.230 0.250 3.782  -5.284  -2.558 10 A_DG12:DC13_B A 12 ? B 13 ? 19 1 
# 
loop_
_ndb_struct_na_base_pair_step.model_number 
_ndb_struct_na_base_pair_step.i_label_asym_id_1 
_ndb_struct_na_base_pair_step.i_label_comp_id_1 
_ndb_struct_na_base_pair_step.i_label_seq_id_1 
_ndb_struct_na_base_pair_step.i_symmetry_1 
_ndb_struct_na_base_pair_step.j_label_asym_id_1 
_ndb_struct_na_base_pair_step.j_label_comp_id_1 
_ndb_struct_na_base_pair_step.j_label_seq_id_1 
_ndb_struct_na_base_pair_step.j_symmetry_1 
_ndb_struct_na_base_pair_step.i_label_asym_id_2 
_ndb_struct_na_base_pair_step.i_label_comp_id_2 
_ndb_struct_na_base_pair_step.i_label_seq_id_2 
_ndb_struct_na_base_pair_step.i_symmetry_2 
_ndb_struct_na_base_pair_step.j_label_asym_id_2 
_ndb_struct_na_base_pair_step.j_label_comp_id_2 
_ndb_struct_na_base_pair_step.j_label_seq_id_2 
_ndb_struct_na_base_pair_step.j_symmetry_2 
_ndb_struct_na_base_pair_step.shift 
_ndb_struct_na_base_pair_step.slide 
_ndb_struct_na_base_pair_step.rise 
_ndb_struct_na_base_pair_step.tilt 
_ndb_struct_na_base_pair_step.roll 
_ndb_struct_na_base_pair_step.twist 
_ndb_struct_na_base_pair_step.x_displacement 
_ndb_struct_na_base_pair_step.y_displacement 
_ndb_struct_na_base_pair_step.helical_rise 
_ndb_struct_na_base_pair_step.inclination 
_ndb_struct_na_base_pair_step.tip 
_ndb_struct_na_base_pair_step.helical_twist 
_ndb_struct_na_base_pair_step.step_number 
_ndb_struct_na_base_pair_step.step_name 
_ndb_struct_na_base_pair_step.i_auth_asym_id_1 
_ndb_struct_na_base_pair_step.i_auth_seq_id_1 
_ndb_struct_na_base_pair_step.i_PDB_ins_code_1 
_ndb_struct_na_base_pair_step.j_auth_asym_id_1 
_ndb_struct_na_base_pair_step.j_auth_seq_id_1 
_ndb_struct_na_base_pair_step.j_PDB_ins_code_1 
_ndb_struct_na_base_pair_step.i_auth_asym_id_2 
_ndb_struct_na_base_pair_step.i_auth_seq_id_2 
_ndb_struct_na_base_pair_step.i_PDB_ins_code_2 
_ndb_struct_na_base_pair_step.j_auth_asym_id_2 
_ndb_struct_na_base_pair_step.j_auth_seq_id_2 
_ndb_struct_na_base_pair_step.j_PDB_ins_code_2 
1 A DC 1  1_555 B DG 12 1_555 A DG 2  1_555 B DC 11 1_555 -0.285 0.141  3.286 -3.419 3.248  35.561 -0.241 -0.032 3.298 5.289   
5.567  35.862 1 AA_DC1DG2:DC23DG24_BB   A 1  ? B 24 ? A 2  ? B 23 ? 
1 A DG 2  1_555 B DC 11 1_555 A DC 3  1_555 B DG 10 1_555 0.691  0.454  3.420 3.186  -5.005 39.577 1.264  -0.628 3.383 -7.341  
-4.674 40.002 2 AA_DG2DC3:DG22DC23_BB   A 2  ? B 23 ? A 3  ? B 22 ? 
1 A DC 3  1_555 B DG 10 1_555 A DA 5  1_555 B DT 8  1_555 0.111  0.287  6.472 1.354  3.449  65.555 -0.015 0.007  6.479 3.183   
-1.249 65.648 3 AA_DC3DA5:DT20DG22_BB   A 3  ? B 22 ? A 5  ? B 20 ? 
1 A DA 5  1_555 B DT 8  1_555 A DA 6  1_555 B DT 7  1_555 0.147  -0.415 3.367 -0.025 -0.132 36.658 -0.642 -0.238 3.369 -0.210  
0.039  36.659 4 AA_DA5DA6:DT19DT20_BB   A 5  ? B 20 ? A 6  ? B 19 ? 
1 A DA 6  1_555 B DT 7  1_555 A DT 7  1_555 B DA 6  1_555 -0.066 -0.710 3.330 0.246  -0.289 31.928 -1.238 0.164  3.336 -0.526  
-0.446 31.931 5 AA_DA6DT7:DA18DT19_BB   A 6  ? B 19 ? A 7  ? B 18 ? 
1 A DT 7  1_555 B DA 6  1_555 A DT 8  1_555 B DA 5  1_555 -0.227 -0.431 3.384 0.237  -1.717 35.254 -0.447 0.411  3.399 -2.833  
-0.392 35.295 6 AA_DT7DT8:DA17DA18_BB   A 7  ? B 18 ? A 8  ? B 17 ? 
1 A DT 8  1_555 B DA 5  1_555 A DG 10 1_555 B DC 3  1_555 -0.220 0.983  6.313 -2.501 -4.647 69.335 1.185  0.019  6.248 -4.079  
2.195  69.511 7 AA_DT8DG10:DC15DA17_BB  A 8  ? B 17 ? A 10 ? B 15 ? 
1 A DG 10 1_555 B DC 3  1_555 A DC 11 1_555 B DG 2  1_555 -1.267 0.448  3.455 -4.206 -9.890 41.600 1.656  1.288  3.374 -13.653 
5.806  42.907 8 AA_DG10DC11:DG14DC15_BB A 10 ? B 15 ? A 11 ? B 14 ? 
1 A DC 11 1_555 B DG 2  1_555 A DG 12 1_555 B DC 1  1_555 0.674  0.471  3.309 3.640  0.112  36.869 0.726  -0.561 3.359 0.177   
-5.739 37.043 9 AA_DC11DG12:DC13DG14_BB A 11 ? B 14 ? A 12 ? B 13 ? 
# 
loop_
_pdbx_entity_nonpoly.entity_id 
_pdbx_entity_nonpoly.name 
_pdbx_entity_nonpoly.comp_id 
2 'MAGNESIUM ION' MG  
3 water           HOH 
# 
_pdbx_initial_refinement_model.id               1 
_pdbx_initial_refinement_model.entity_id_list   ? 
_pdbx_initial_refinement_model.type             'experimental model' 
_pdbx_initial_refinement_model.source_name      PDB 
_pdbx_initial_refinement_model.accession_code   355D 
_pdbx_initial_refinement_model.details          'PDB ENTRY 355D' 
# 
